data_8WXJ
#
_entry.id   8WXJ
#
loop_
_entity.id
_entity.type
_entity.pdbx_description
1 polymer 'Chloride channel protein 1'
2 non-polymer 'THIOCYANATE ION'
#
_entity_poly.entity_id   1
_entity_poly.type   'polypeptide(L)'
_entity_poly.pdbx_seq_one_letter_code
;MEQSRSQQRGGEQSWWGSDPQYQYMPFEHCTSYGLPSENGGLQHRLRKDAGPRHNVHPTQIYGHHKEQFSDREQDIGMPK
KTGSSSTVDSKDEDHYSKCQDCIHRLGQVVRRKLGEDGIFLVLLGLLMALVSWSMGYVSAKSLQAYKWSYAQMQPSLPLQ
FLVWVTFPLVLILFSALFCHLISPQAVGSGIPEMKTILRGVVLKEYLTMKAFVAKVVALTAGLGSGIPVGKEGPFVHIAS
ICAAVLSKFMSVFCGVYEQPYYYSDILTVGCAVGVGCCFGTPLGGVLFSIEVTSTYFAVRNYWRGFFAATFSAFVFRVLA
VWNKDAVTITALFRTNFRMDFPFDLKELPAFAAIGICCGLLGAVFVYLHRQVMLGVRKHKALSQFLAKHRLLYPGIVTFV
IASFTFPPGMGQFMAGELMPREAISTLFDNNTWVKHAGDPESLGQSAVWIHPRVNVVIIIFLFFVMKFWMSIVATTMPIP
CGGFMPVFVLGAAFGRLVGEIMAMLFPDGILFDDIIYKILPGGYAVIGAAALTGAVSHTVSTAVICFELTGQIAHILPMM
VAVILANMVAQSLQPSLYDSIIQVKKLPYLPDLGWNQLSKYTIFVEDIMVRDVKFVSASYTYGELRTLLQTTTVKTLPLV
DSKDSMILLGSVERSELQALLQRHLCPERRLRAAQEMARKLSELPYDGKARLAGEGLPGAPPGRPESFAFVDEDEDEDLS
GKSELPPSLALHPSTTAPLSPEEPNGPLPGHKQQPEAPEPAGQRPSIFQSLLHCLLGRARPTKKKTTQDSTDLVDNMSPE
EIEAWEQEQLSQPVCFDSCCIDQSPFQLVEQTTLHKTHTLFSLLGLHLAYVTSMGKLRGVLALEELQKAIEGHTKSGVQL
RPPLASFRNTTSTRKSTGAPPSSAENWNLPEDRPGATGTGDVIAASPETPVPSPSPEPPLSLAPGKVEGELEELELVESP
GLEEELADILQGPSLRSTDEEDEDELIL
;
_entity_poly.pdbx_strand_id   A,B
#
loop_
_chem_comp.id
_chem_comp.type
_chem_comp.name
_chem_comp.formula
SCN non-polymer 'THIOCYANATE ION' 'C N S -1'
#
# COMPACT_ATOMS: atom_id res chain seq x y z
N GLY A 115 -11.11 22.37 9.02
CA GLY A 115 -11.27 23.80 8.90
C GLY A 115 -11.07 24.26 7.47
N GLU A 116 -10.23 25.27 7.27
CA GLU A 116 -9.94 25.75 5.92
C GLU A 116 -9.05 24.77 5.19
N ASP A 117 -8.20 24.05 5.92
CA ASP A 117 -7.34 23.06 5.30
C ASP A 117 -8.16 21.94 4.68
N GLY A 118 -9.24 21.53 5.34
CA GLY A 118 -10.10 20.49 4.80
C GLY A 118 -10.68 20.91 3.46
N ILE A 119 -11.12 22.15 3.36
CA ILE A 119 -11.65 22.65 2.11
C ILE A 119 -10.55 22.68 1.06
N PHE A 120 -9.35 23.11 1.45
CA PHE A 120 -8.23 23.14 0.53
C PHE A 120 -7.98 21.75 -0.03
N LEU A 121 -7.97 20.73 0.82
CA LEU A 121 -7.72 19.37 0.37
C LEU A 121 -8.81 18.89 -0.58
N VAL A 122 -10.06 19.16 -0.24
CA VAL A 122 -11.17 18.75 -1.09
C VAL A 122 -11.06 19.44 -2.44
N LEU A 123 -10.82 20.74 -2.43
CA LEU A 123 -10.71 21.49 -3.68
C LEU A 123 -9.54 20.98 -4.49
N LEU A 124 -8.40 20.74 -3.86
CA LEU A 124 -7.24 20.21 -4.55
C LEU A 124 -7.59 18.93 -5.27
N GLY A 125 -8.11 17.96 -4.54
CA GLY A 125 -8.48 16.69 -5.14
C GLY A 125 -9.44 16.86 -6.29
N LEU A 126 -10.51 17.61 -6.08
CA LEU A 126 -11.49 17.84 -7.13
C LEU A 126 -10.85 18.48 -8.34
N LEU A 127 -10.16 19.59 -8.14
CA LEU A 127 -9.56 20.30 -9.26
C LEU A 127 -8.59 19.42 -10.02
N MET A 128 -7.73 18.72 -9.30
CA MET A 128 -6.75 17.87 -9.95
C MET A 128 -7.41 16.75 -10.74
N ALA A 129 -8.41 16.09 -10.17
CA ALA A 129 -9.11 15.05 -10.88
C ALA A 129 -9.69 15.60 -12.17
N LEU A 130 -10.29 16.77 -12.10
CA LEU A 130 -10.88 17.38 -13.28
C LEU A 130 -9.84 17.73 -14.34
N VAL A 131 -8.75 18.38 -13.93
CA VAL A 131 -7.68 18.74 -14.86
C VAL A 131 -7.07 17.49 -15.46
N SER A 132 -6.74 16.51 -14.62
CA SER A 132 -6.15 15.28 -15.11
C SER A 132 -7.07 14.56 -16.07
N TRP A 133 -8.36 14.49 -15.74
CA TRP A 133 -9.31 13.83 -16.61
C TRP A 133 -9.36 14.56 -17.93
N SER A 134 -9.49 15.87 -17.91
CA SER A 134 -9.55 16.65 -19.14
C SER A 134 -8.31 16.41 -19.98
N MET A 135 -7.14 16.51 -19.36
CA MET A 135 -5.89 16.26 -20.06
C MET A 135 -5.90 14.88 -20.69
N GLY A 136 -6.18 13.86 -19.88
CA GLY A 136 -6.22 12.50 -20.39
C GLY A 136 -7.26 12.28 -21.47
N TYR A 137 -8.42 12.91 -21.33
CA TYR A 137 -9.47 12.78 -22.32
C TYR A 137 -8.99 13.29 -23.66
N VAL A 138 -8.46 14.51 -23.70
CA VAL A 138 -8.03 15.10 -24.96
C VAL A 138 -6.85 14.32 -25.52
N SER A 139 -5.96 13.84 -24.66
CA SER A 139 -4.82 13.06 -25.12
C SER A 139 -5.26 11.75 -25.72
N ALA A 140 -6.28 11.13 -25.13
CA ALA A 140 -6.79 9.88 -25.66
C ALA A 140 -7.50 10.09 -26.98
N LYS A 141 -8.18 11.23 -27.11
CA LYS A 141 -8.87 11.54 -28.36
C LYS A 141 -7.85 11.82 -29.44
N SER A 142 -6.72 12.40 -29.05
CA SER A 142 -5.67 12.68 -30.01
C SER A 142 -5.02 11.40 -30.46
N LEU A 143 -4.86 10.46 -29.54
CA LEU A 143 -4.27 9.17 -29.88
C LEU A 143 -5.21 8.40 -30.79
N GLN A 144 -6.51 8.58 -30.60
CA GLN A 144 -7.48 7.90 -31.45
C GLN A 144 -7.46 8.49 -32.84
N ALA A 145 -7.29 9.80 -32.96
CA ALA A 145 -7.21 10.44 -34.27
C ALA A 145 -5.94 10.00 -34.95
N TYR A 146 -4.87 9.84 -34.19
CA TYR A 146 -3.60 9.36 -34.73
C TYR A 146 -3.84 8.02 -35.38
N LYS A 147 -4.38 7.09 -34.62
CA LYS A 147 -4.64 5.75 -35.13
C LYS A 147 -5.58 5.77 -36.32
N TRP A 148 -6.66 6.55 -36.23
CA TRP A 148 -7.63 6.62 -37.31
C TRP A 148 -7.02 7.17 -38.60
N SER A 149 -6.26 8.25 -38.49
CA SER A 149 -5.66 8.87 -39.66
C SER A 149 -4.67 7.92 -40.30
N TYR A 150 -3.91 7.21 -39.47
CA TYR A 150 -2.94 6.27 -40.00
C TYR A 150 -3.67 5.19 -40.78
N ALA A 151 -4.77 4.69 -40.23
CA ALA A 151 -5.50 3.63 -40.89
C ALA A 151 -6.29 4.09 -42.09
N GLN A 152 -6.51 5.40 -42.21
CA GLN A 152 -7.25 5.93 -43.35
C GLN A 152 -6.34 5.96 -44.58
N MET A 153 -5.03 6.00 -44.36
CA MET A 153 -4.09 5.98 -45.48
C MET A 153 -3.60 4.56 -45.70
N GLN A 154 -4.32 3.57 -45.18
CA GLN A 154 -3.88 2.17 -45.27
C GLN A 154 -3.10 1.69 -46.50
N PRO A 155 -3.69 1.75 -47.70
CA PRO A 155 -2.91 1.20 -48.83
C PRO A 155 -1.60 1.93 -49.08
N SER A 156 -1.64 3.26 -49.16
CA SER A 156 -0.44 4.02 -49.47
C SER A 156 0.59 4.01 -48.35
N LEU A 157 1.68 3.28 -48.53
CA LEU A 157 2.74 3.25 -47.52
C LEU A 157 3.44 4.60 -47.28
N PRO A 158 3.77 5.35 -48.35
CA PRO A 158 4.37 6.65 -48.03
C PRO A 158 3.45 7.58 -47.25
N LEU A 159 2.14 7.51 -47.50
CA LEU A 159 1.19 8.34 -46.78
C LEU A 159 1.02 7.86 -45.35
N GLN A 160 1.12 6.55 -45.14
CA GLN A 160 1.04 6.02 -43.79
C GLN A 160 2.23 6.55 -43.02
N PHE A 161 3.38 6.62 -43.66
CA PHE A 161 4.57 7.19 -43.02
C PHE A 161 4.32 8.62 -42.64
N LEU A 162 3.80 9.41 -43.58
CA LEU A 162 3.53 10.81 -43.32
C LEU A 162 2.71 10.96 -42.04
N VAL A 163 1.55 10.34 -41.98
CA VAL A 163 0.70 10.43 -40.79
C VAL A 163 1.43 9.95 -39.54
N TRP A 164 2.10 8.82 -39.62
CA TRP A 164 2.79 8.27 -38.46
C TRP A 164 3.88 9.18 -37.90
N VAL A 165 4.51 9.98 -38.74
CA VAL A 165 5.59 10.81 -38.26
C VAL A 165 5.21 12.25 -38.02
N THR A 166 4.24 12.77 -38.78
CA THR A 166 3.88 14.18 -38.65
C THR A 166 2.93 14.44 -37.50
N PHE A 167 2.02 13.52 -37.24
CA PHE A 167 1.14 13.68 -36.09
C PHE A 167 1.96 13.90 -34.80
N PRO A 168 2.89 12.98 -34.47
CA PRO A 168 3.70 13.28 -33.29
C PRO A 168 4.55 14.53 -33.45
N LEU A 169 5.12 14.75 -34.62
CA LEU A 169 5.96 15.92 -34.86
C LEU A 169 5.20 17.19 -34.53
N VAL A 170 4.03 17.36 -35.14
CA VAL A 170 3.23 18.56 -34.91
C VAL A 170 2.96 18.71 -33.43
N LEU A 171 2.49 17.66 -32.78
CA LEU A 171 2.14 17.75 -31.38
C LEU A 171 3.32 18.09 -30.47
N ILE A 172 4.48 17.51 -30.73
CA ILE A 172 5.66 17.77 -29.90
C ILE A 172 6.21 19.16 -30.20
N LEU A 173 6.21 19.54 -31.47
CA LEU A 173 6.68 20.88 -31.83
C LEU A 173 5.75 21.90 -31.19
N PHE A 174 4.46 21.61 -31.18
CA PHE A 174 3.50 22.51 -30.52
C PHE A 174 3.79 22.58 -29.03
N SER A 175 3.98 21.44 -28.38
CA SER A 175 4.30 21.44 -26.97
C SER A 175 5.47 22.35 -26.70
N ALA A 176 6.56 22.16 -27.43
CA ALA A 176 7.75 22.97 -27.25
C ALA A 176 7.46 24.44 -27.48
N LEU A 177 6.83 24.77 -28.60
CA LEU A 177 6.53 26.16 -28.92
C LEU A 177 5.65 26.79 -27.87
N PHE A 178 4.57 26.11 -27.50
CA PHE A 178 3.67 26.64 -26.50
C PHE A 178 4.43 26.96 -25.23
N CYS A 179 5.16 25.98 -24.71
CA CYS A 179 5.95 26.21 -23.51
C CYS A 179 6.87 27.40 -23.68
N HIS A 180 7.71 27.39 -24.70
CA HIS A 180 8.62 28.50 -24.94
C HIS A 180 7.91 29.84 -24.88
N LEU A 181 6.79 29.97 -25.60
CA LEU A 181 6.08 31.23 -25.64
C LEU A 181 5.43 31.57 -24.31
N ILE A 182 4.60 30.69 -23.79
CA ILE A 182 3.89 30.98 -22.54
C ILE A 182 4.82 31.01 -21.33
N SER A 183 5.31 29.85 -20.91
CA SER A 183 6.20 29.80 -19.77
C SER A 183 7.34 28.83 -20.03
N PRO A 184 8.54 29.37 -20.25
CA PRO A 184 9.70 28.51 -20.55
C PRO A 184 10.21 27.74 -19.36
N GLN A 185 9.58 27.88 -18.20
CA GLN A 185 9.97 27.12 -17.03
C GLN A 185 9.00 25.99 -16.81
N ALA A 186 8.08 25.80 -17.75
CA ALA A 186 7.14 24.70 -17.65
C ALA A 186 7.63 23.49 -18.44
N VAL A 187 8.94 23.33 -18.52
CA VAL A 187 9.51 22.21 -19.25
C VAL A 187 10.27 21.27 -18.33
N GLY A 188 10.43 20.02 -18.72
CA GLY A 188 11.23 19.08 -17.96
C GLY A 188 10.78 18.70 -16.57
N SER A 189 9.73 17.88 -16.46
CA SER A 189 9.27 17.38 -15.16
C SER A 189 8.91 18.45 -14.15
N GLY A 190 8.84 18.07 -12.88
CA GLY A 190 8.50 19.02 -11.85
C GLY A 190 9.11 18.54 -10.56
N ILE A 191 9.21 17.23 -10.41
CA ILE A 191 9.82 16.65 -9.21
C ILE A 191 11.22 17.19 -8.88
N PRO A 192 12.13 17.29 -9.87
CA PRO A 192 13.42 17.86 -9.48
C PRO A 192 13.30 19.25 -8.87
N GLU A 193 12.54 20.12 -9.52
CA GLU A 193 12.40 21.48 -9.04
C GLU A 193 11.51 21.60 -7.81
N MET A 194 10.60 20.66 -7.62
CA MET A 194 9.77 20.66 -6.42
C MET A 194 10.62 20.31 -5.23
N LYS A 195 11.58 19.41 -5.42
CA LYS A 195 12.50 19.06 -4.34
C LYS A 195 13.21 20.32 -3.92
N THR A 196 13.71 21.07 -4.89
CA THR A 196 14.39 22.33 -4.59
C THR A 196 13.49 23.30 -3.84
N ILE A 197 12.28 23.51 -4.34
CA ILE A 197 11.34 24.45 -3.71
C ILE A 197 10.99 23.99 -2.29
N LEU A 198 10.74 22.70 -2.11
CA LEU A 198 10.40 22.19 -0.79
C LEU A 198 11.55 22.33 0.19
N ARG A 199 12.77 22.44 -0.33
CA ARG A 199 13.94 22.61 0.53
C ARG A 199 14.21 24.07 0.79
N GLY A 200 13.19 24.91 0.62
CA GLY A 200 13.34 26.32 0.90
C GLY A 200 13.61 27.19 -0.31
N VAL A 201 14.41 26.69 -1.26
CA VAL A 201 14.78 27.51 -2.40
C VAL A 201 13.68 27.68 -3.42
N VAL A 202 12.89 28.73 -3.29
CA VAL A 202 11.84 29.00 -4.25
C VAL A 202 12.46 29.36 -5.59
N LEU A 203 11.81 28.96 -6.68
CA LEU A 203 12.37 29.23 -8.00
C LEU A 203 11.87 30.54 -8.56
N LYS A 204 11.90 30.70 -9.88
CA LYS A 204 11.48 31.95 -10.49
C LYS A 204 9.97 32.03 -10.61
N GLU A 205 9.47 31.84 -11.82
CA GLU A 205 8.03 31.85 -12.03
C GLU A 205 7.55 30.42 -12.18
N TYR A 206 7.99 29.54 -11.28
CA TYR A 206 7.63 28.15 -11.37
C TYR A 206 6.17 27.90 -11.01
N LEU A 207 5.72 28.40 -9.86
CA LEU A 207 4.35 28.15 -9.43
C LEU A 207 3.39 29.25 -9.86
N THR A 208 3.46 29.63 -11.13
CA THR A 208 2.59 30.69 -11.63
C THR A 208 1.48 30.14 -12.51
N MET A 209 0.52 30.98 -12.87
CA MET A 209 -0.59 30.55 -13.69
C MET A 209 -0.21 30.33 -15.15
N LYS A 210 0.78 31.05 -15.66
CA LYS A 210 1.23 30.81 -17.03
C LYS A 210 1.83 29.43 -17.11
N ALA A 211 2.58 29.05 -16.08
CA ALA A 211 3.20 27.75 -16.08
C ALA A 211 2.14 26.69 -16.13
N PHE A 212 1.04 26.90 -15.41
CA PHE A 212 -0.07 25.96 -15.43
C PHE A 212 -0.54 25.77 -16.86
N VAL A 213 -0.98 26.85 -17.50
CA VAL A 213 -1.46 26.77 -18.87
C VAL A 213 -0.46 26.07 -19.76
N ALA A 214 0.79 26.54 -19.77
CA ALA A 214 1.82 25.93 -20.60
C ALA A 214 1.90 24.44 -20.35
N LYS A 215 2.14 24.04 -19.11
CA LYS A 215 2.30 22.64 -18.82
C LYS A 215 1.09 21.81 -19.19
N VAL A 216 -0.11 22.21 -18.80
CA VAL A 216 -1.28 21.39 -19.08
C VAL A 216 -1.48 21.16 -20.56
N VAL A 217 -1.42 22.23 -21.36
CA VAL A 217 -1.68 22.10 -22.79
C VAL A 217 -0.56 21.31 -23.44
N ALA A 218 0.67 21.67 -23.11
CA ALA A 218 1.81 20.99 -23.72
C ALA A 218 1.94 19.53 -23.30
N LEU A 219 1.55 19.20 -22.08
CA LEU A 219 1.58 17.81 -21.65
C LEU A 219 0.50 17.02 -22.36
N THR A 220 -0.68 17.60 -22.52
CA THR A 220 -1.75 16.92 -23.25
C THR A 220 -1.25 16.57 -24.64
N ALA A 221 -0.59 17.52 -25.30
CA ALA A 221 -0.09 17.29 -26.64
C ALA A 221 0.99 16.23 -26.66
N GLY A 222 1.87 16.25 -25.67
CA GLY A 222 2.92 15.25 -25.59
C GLY A 222 2.40 13.86 -25.28
N LEU A 223 1.29 13.78 -24.57
CA LEU A 223 0.71 12.48 -24.23
C LEU A 223 -0.17 11.95 -25.35
N GLY A 224 -0.55 12.80 -26.27
CA GLY A 224 -1.36 12.37 -27.39
C GLY A 224 -0.54 12.18 -28.65
N SER A 225 0.78 12.18 -28.49
CA SER A 225 1.66 12.02 -29.63
C SER A 225 2.12 10.59 -29.77
N GLY A 226 2.28 9.89 -28.65
CA GLY A 226 2.75 8.52 -28.68
C GLY A 226 4.23 8.47 -28.41
N ILE A 227 4.87 9.63 -28.40
CA ILE A 227 6.30 9.69 -28.12
C ILE A 227 6.45 9.38 -26.64
N PRO A 228 7.44 8.53 -26.26
CA PRO A 228 7.48 8.19 -24.83
C PRO A 228 7.86 9.32 -23.90
N VAL A 229 6.92 10.19 -23.57
CA VAL A 229 7.18 11.26 -22.61
C VAL A 229 6.42 10.87 -21.35
N GLY A 230 6.77 11.46 -20.23
CA GLY A 230 6.12 11.07 -18.99
C GLY A 230 4.95 11.93 -18.63
N LYS A 231 4.32 11.61 -17.50
CA LYS A 231 3.15 12.36 -17.06
C LYS A 231 3.33 12.68 -15.60
N GLU A 232 3.89 11.74 -14.84
CA GLU A 232 4.07 11.92 -13.40
C GLU A 232 4.77 13.21 -13.00
N GLY A 233 5.92 13.48 -13.60
CA GLY A 233 6.66 14.67 -13.25
C GLY A 233 5.90 15.96 -13.48
N PRO A 234 5.50 16.22 -14.73
CA PRO A 234 4.71 17.42 -14.99
C PRO A 234 3.48 17.53 -14.11
N PHE A 235 2.83 16.41 -13.83
CA PHE A 235 1.63 16.40 -13.00
C PHE A 235 1.89 16.89 -11.59
N VAL A 236 3.03 16.50 -11.01
CA VAL A 236 3.39 16.99 -9.69
C VAL A 236 3.52 18.50 -9.72
N HIS A 237 4.13 19.04 -10.78
CA HIS A 237 4.24 20.49 -10.92
C HIS A 237 2.87 21.11 -11.13
N ILE A 238 2.07 20.55 -12.04
CA ILE A 238 0.72 21.06 -12.28
C ILE A 238 -0.06 21.09 -10.99
N ALA A 239 0.06 20.05 -10.18
CA ALA A 239 -0.68 19.99 -8.93
C ALA A 239 -0.16 20.95 -7.89
N SER A 240 1.14 21.20 -7.89
CA SER A 240 1.72 22.14 -6.95
C SER A 240 1.34 23.56 -7.34
N ILE A 241 1.21 23.82 -8.64
CA ILE A 241 0.75 25.14 -9.07
C ILE A 241 -0.67 25.29 -8.58
N CYS A 242 -1.48 24.27 -8.81
CA CYS A 242 -2.88 24.32 -8.38
C CYS A 242 -2.99 24.45 -6.87
N ALA A 243 -2.09 23.81 -6.13
CA ALA A 243 -2.10 23.92 -4.68
C ALA A 243 -1.82 25.34 -4.26
N ALA A 244 -0.78 25.92 -4.83
CA ALA A 244 -0.44 27.31 -4.53
C ALA A 244 -1.58 28.24 -4.90
N VAL A 245 -2.17 28.03 -6.07
CA VAL A 245 -3.27 28.88 -6.52
C VAL A 245 -4.45 28.72 -5.58
N LEU A 246 -4.81 27.49 -5.24
CA LEU A 246 -5.94 27.25 -4.35
C LEU A 246 -5.68 27.87 -2.99
N SER A 247 -4.44 27.80 -2.52
CA SER A 247 -4.10 28.39 -1.24
C SER A 247 -4.33 29.90 -1.27
N LYS A 248 -3.93 30.55 -2.36
CA LYS A 248 -4.16 31.98 -2.49
C LYS A 248 -5.64 32.26 -2.59
N PHE A 249 -6.34 31.52 -3.44
CA PHE A 249 -7.77 31.72 -3.62
C PHE A 249 -8.50 31.57 -2.29
N MET A 250 -8.07 30.63 -1.46
CA MET A 250 -8.77 30.38 -0.22
C MET A 250 -8.30 31.30 0.90
N SER A 251 -7.05 31.18 1.29
CA SER A 251 -6.53 31.97 2.40
C SER A 251 -6.51 33.46 2.14
N VAL A 252 -5.76 33.90 1.14
CA VAL A 252 -5.63 35.34 0.91
C VAL A 252 -6.90 35.98 0.35
N PHE A 253 -7.79 35.20 -0.22
CA PHE A 253 -9.06 35.74 -0.71
C PHE A 253 -10.24 35.13 0.05
N TYR A 262 2.50 25.34 6.63
CA TYR A 262 3.15 26.42 5.90
C TYR A 262 3.10 26.17 4.40
N TYR A 263 3.91 26.91 3.64
CA TYR A 263 3.92 26.74 2.19
C TYR A 263 4.35 25.34 1.81
N SER A 264 5.29 24.77 2.55
CA SER A 264 5.77 23.43 2.25
C SER A 264 4.67 22.40 2.43
N ASP A 265 3.81 22.62 3.42
CA ASP A 265 2.70 21.70 3.64
C ASP A 265 1.74 21.73 2.47
N ILE A 266 1.40 22.93 2.02
CA ILE A 266 0.52 23.07 0.87
C ILE A 266 1.12 22.37 -0.34
N LEU A 267 2.38 22.66 -0.64
CA LEU A 267 3.01 22.10 -1.83
C LEU A 267 3.19 20.61 -1.79
N THR A 268 3.42 20.07 -0.60
CA THR A 268 3.66 18.64 -0.49
C THR A 268 2.37 17.85 -0.63
N VAL A 269 1.24 18.48 -0.35
CA VAL A 269 -0.04 17.81 -0.58
C VAL A 269 -0.25 17.88 -2.06
N GLY A 270 0.08 19.02 -2.67
CA GLY A 270 0.00 19.15 -4.10
C GLY A 270 0.72 18.01 -4.79
N CYS A 271 1.97 17.79 -4.43
CA CYS A 271 2.74 16.69 -5.01
C CYS A 271 1.99 15.38 -4.88
N ALA A 272 1.48 15.07 -3.70
CA ALA A 272 0.77 13.82 -3.47
C ALA A 272 -0.42 13.60 -4.39
N VAL A 273 -1.27 14.61 -4.54
CA VAL A 273 -2.45 14.49 -5.38
C VAL A 273 -2.07 14.51 -6.86
N GLY A 274 -0.89 15.01 -7.17
CA GLY A 274 -0.44 15.02 -8.55
C GLY A 274 -0.19 13.61 -9.00
N VAL A 275 0.61 12.87 -8.24
CA VAL A 275 0.93 11.50 -8.63
C VAL A 275 -0.25 10.58 -8.37
N GLY A 276 -1.10 10.95 -7.43
CA GLY A 276 -2.28 10.16 -7.16
C GLY A 276 -3.23 10.19 -8.31
N CYS A 277 -3.37 11.35 -8.95
CA CYS A 277 -4.26 11.48 -10.09
C CYS A 277 -3.57 11.09 -11.39
N CYS A 278 -2.24 10.95 -11.34
CA CYS A 278 -1.50 10.52 -12.52
C CYS A 278 -1.61 9.02 -12.68
N PHE A 279 -1.26 8.27 -11.63
CA PHE A 279 -1.29 6.82 -11.70
C PHE A 279 -2.68 6.28 -11.44
N GLY A 280 -3.62 7.14 -11.05
CA GLY A 280 -4.94 6.67 -10.68
C GLY A 280 -4.75 5.75 -9.50
N THR A 281 -3.80 6.09 -8.64
CA THR A 281 -3.50 5.25 -7.49
C THR A 281 -3.37 6.18 -6.30
N PRO A 282 -4.39 6.22 -5.44
CA PRO A 282 -4.36 7.13 -4.30
C PRO A 282 -3.21 6.85 -3.34
N LEU A 283 -3.25 5.73 -2.64
CA LEU A 283 -2.23 5.43 -1.64
C LEU A 283 -0.82 5.42 -2.21
N GLY A 284 -0.61 4.66 -3.27
CA GLY A 284 0.70 4.58 -3.88
C GLY A 284 1.23 5.93 -4.28
N GLY A 285 0.38 6.78 -4.85
CA GLY A 285 0.80 8.11 -5.25
C GLY A 285 1.30 8.95 -4.08
N VAL A 286 0.53 8.99 -3.00
CA VAL A 286 0.96 9.75 -1.83
C VAL A 286 2.32 9.28 -1.37
N LEU A 287 2.49 7.97 -1.22
CA LEU A 287 3.77 7.43 -0.78
C LEU A 287 4.88 7.76 -1.75
N PHE A 288 4.61 7.66 -3.04
CA PHE A 288 5.61 7.99 -4.04
C PHE A 288 6.08 9.42 -3.86
N SER A 289 5.16 10.36 -3.80
CA SER A 289 5.52 11.76 -3.64
C SER A 289 6.38 11.98 -2.42
N ILE A 290 5.99 11.41 -1.28
CA ILE A 290 6.77 11.56 -0.07
C ILE A 290 8.22 11.17 -0.32
N GLU A 291 8.43 10.05 -1.00
CA GLU A 291 9.79 9.58 -1.26
C GLU A 291 10.57 10.42 -2.26
N VAL A 292 9.93 10.90 -3.31
CA VAL A 292 10.65 11.64 -4.34
C VAL A 292 10.78 13.14 -4.10
N THR A 293 9.99 13.69 -3.19
CA THR A 293 10.02 15.14 -3.01
C THR A 293 10.43 15.58 -1.62
N SER A 294 10.76 14.63 -0.75
CA SER A 294 11.10 14.99 0.62
C SER A 294 12.19 14.13 1.23
N THR A 295 12.97 14.70 2.13
CA THR A 295 13.99 13.93 2.83
C THR A 295 13.48 13.64 4.23
N TYR A 296 12.64 14.51 4.76
CA TYR A 296 12.08 14.33 6.09
C TYR A 296 10.64 14.78 6.03
N PHE A 297 9.72 13.83 5.99
CA PHE A 297 8.32 14.17 5.85
C PHE A 297 7.60 14.28 7.18
N ALA A 298 6.47 14.98 7.21
CA ALA A 298 5.69 15.05 8.44
C ALA A 298 4.44 14.21 8.27
N VAL A 299 4.07 13.47 9.31
CA VAL A 299 2.91 12.59 9.22
C VAL A 299 1.61 13.34 8.96
N ARG A 300 1.53 14.58 9.41
CA ARG A 300 0.35 15.39 9.13
C ARG A 300 0.17 15.54 7.63
N ASN A 301 1.24 15.85 6.92
CA ASN A 301 1.17 16.01 5.47
C ASN A 301 0.80 14.71 4.78
N TYR A 302 1.20 13.58 5.37
CA TYR A 302 0.85 12.29 4.80
C TYR A 302 -0.66 12.12 4.84
N TRP A 303 -1.26 12.37 5.99
CA TRP A 303 -2.71 12.23 6.13
C TRP A 303 -3.43 13.21 5.22
N ARG A 304 -2.94 14.44 5.16
CA ARG A 304 -3.58 15.45 4.34
C ARG A 304 -3.52 15.07 2.87
N GLY A 305 -2.36 14.61 2.42
CA GLY A 305 -2.22 14.21 1.04
C GLY A 305 -3.10 13.03 0.72
N PHE A 306 -3.23 12.10 1.65
CA PHE A 306 -4.08 10.94 1.44
C PHE A 306 -5.54 11.33 1.31
N PHE A 307 -6.01 12.25 2.16
CA PHE A 307 -7.39 12.70 2.10
C PHE A 307 -7.68 13.35 0.75
N ALA A 308 -6.78 14.23 0.32
CA ALA A 308 -6.99 14.92 -0.94
C ALA A 308 -6.94 13.96 -2.11
N ALA A 309 -6.08 12.95 -2.02
CA ALA A 309 -5.96 11.99 -3.11
C ALA A 309 -7.14 11.03 -3.17
N THR A 310 -7.76 10.76 -2.03
CA THR A 310 -8.94 9.91 -2.04
C THR A 310 -10.11 10.67 -2.61
N PHE A 311 -10.13 11.98 -2.43
CA PHE A 311 -11.19 12.77 -3.04
C PHE A 311 -10.96 12.82 -4.54
N SER A 312 -9.71 12.88 -4.96
CA SER A 312 -9.40 12.86 -6.38
C SER A 312 -9.92 11.57 -6.98
N ALA A 313 -9.69 10.46 -6.29
CA ALA A 313 -10.16 9.17 -6.77
C ALA A 313 -11.68 9.10 -6.78
N PHE A 314 -12.31 9.71 -5.78
CA PHE A 314 -13.76 9.74 -5.73
C PHE A 314 -14.30 10.44 -6.96
N VAL A 315 -13.74 11.61 -7.27
CA VAL A 315 -14.19 12.36 -8.44
C VAL A 315 -13.95 11.55 -9.70
N PHE A 316 -12.83 10.86 -9.77
CA PHE A 316 -12.54 10.02 -10.93
C PHE A 316 -13.59 8.94 -11.11
N ARG A 317 -14.05 8.34 -10.02
CA ARG A 317 -15.07 7.30 -10.09
C ARG A 317 -16.38 7.87 -10.60
N VAL A 318 -16.74 9.05 -10.10
CA VAL A 318 -17.96 9.70 -10.55
C VAL A 318 -17.85 10.06 -12.03
N LEU A 319 -16.69 10.57 -12.44
CA LEU A 319 -16.48 10.92 -13.83
C LEU A 319 -16.56 9.69 -14.71
N ALA A 320 -16.09 8.56 -14.19
CA ALA A 320 -16.16 7.32 -14.94
C ALA A 320 -17.60 6.96 -15.19
N VAL A 321 -18.41 6.97 -14.14
CA VAL A 321 -19.83 6.67 -14.28
C VAL A 321 -20.45 7.60 -15.32
N TRP A 322 -20.15 8.89 -15.21
CA TRP A 322 -20.71 9.87 -16.13
C TRP A 322 -20.36 9.66 -17.58
N ASN A 323 -19.07 9.57 -17.89
CA ASN A 323 -18.65 9.50 -19.29
C ASN A 323 -18.22 8.13 -19.80
N LYS A 324 -18.38 7.09 -19.00
CA LYS A 324 -18.03 5.72 -19.41
C LYS A 324 -16.71 5.57 -20.15
N ASP A 325 -16.77 5.39 -21.46
CA ASP A 325 -15.56 5.23 -22.27
C ASP A 325 -14.56 6.34 -22.05
N ALA A 326 -14.84 7.54 -22.57
CA ALA A 326 -13.96 8.70 -22.39
C ALA A 326 -12.49 8.36 -22.33
N VAL A 327 -11.87 8.56 -21.17
CA VAL A 327 -10.48 8.17 -21.01
C VAL A 327 -10.49 7.06 -19.96
N THR A 328 -9.85 5.94 -20.25
CA THR A 328 -9.76 4.88 -19.26
C THR A 328 -8.57 5.23 -18.39
N ILE A 329 -8.78 6.08 -17.38
CA ILE A 329 -7.69 6.52 -16.52
C ILE A 329 -7.03 5.33 -15.86
N THR A 330 -5.89 4.89 -16.38
CA THR A 330 -5.16 3.74 -15.84
C THR A 330 -6.02 2.54 -15.46
N ALA A 331 -7.06 2.26 -16.24
CA ALA A 331 -7.95 1.15 -15.94
C ALA A 331 -7.61 0.00 -16.86
N LEU A 332 -6.75 0.25 -17.83
CA LEU A 332 -6.32 -0.82 -18.73
C LEU A 332 -5.20 -1.59 -18.09
N PHE A 333 -4.65 -1.06 -17.01
CA PHE A 333 -3.53 -1.72 -16.37
C PHE A 333 -4.04 -2.65 -15.30
N ARG A 334 -5.36 -2.69 -15.13
CA ARG A 334 -5.95 -3.61 -14.17
C ARG A 334 -5.83 -5.00 -14.74
N THR A 335 -5.05 -5.85 -14.08
CA THR A 335 -4.81 -7.18 -14.61
C THR A 335 -5.78 -8.24 -14.12
N ASN A 336 -5.77 -9.40 -14.78
CA ASN A 336 -6.67 -10.48 -14.39
C ASN A 336 -5.86 -11.73 -14.11
N PHE A 337 -4.93 -11.64 -13.18
CA PHE A 337 -4.06 -12.78 -12.88
C PHE A 337 -4.67 -13.66 -11.82
N ARG A 338 -4.93 -14.92 -12.18
CA ARG A 338 -5.46 -15.86 -11.22
C ARG A 338 -4.30 -16.60 -10.60
N MET A 339 -3.67 -15.99 -9.60
CA MET A 339 -2.48 -16.60 -9.00
C MET A 339 -2.79 -17.30 -7.68
N ASP A 340 -2.04 -18.34 -7.37
CA ASP A 340 -2.24 -19.06 -6.11
C ASP A 340 -1.58 -18.31 -4.97
N PHE A 341 -2.29 -18.12 -3.87
CA PHE A 341 -1.76 -17.33 -2.75
C PHE A 341 -0.35 -17.66 -2.24
N PRO A 342 -0.05 -18.93 -1.91
CA PRO A 342 1.27 -19.18 -1.34
C PRO A 342 2.45 -18.65 -2.16
N PHE A 343 2.36 -18.66 -3.49
CA PHE A 343 3.43 -18.16 -4.38
C PHE A 343 4.68 -19.06 -4.46
N ASP A 344 5.14 -19.32 -5.69
CA ASP A 344 6.28 -20.18 -5.88
C ASP A 344 7.58 -19.52 -5.46
N LEU A 345 8.19 -20.01 -4.39
CA LEU A 345 9.48 -19.48 -3.98
C LEU A 345 10.58 -20.01 -4.86
N LYS A 346 10.27 -20.95 -5.75
CA LYS A 346 11.26 -21.46 -6.67
C LYS A 346 11.43 -20.49 -7.82
N GLU A 347 10.43 -19.65 -8.06
CA GLU A 347 10.55 -18.64 -9.10
C GLU A 347 10.89 -17.29 -8.50
N LEU A 348 11.07 -17.23 -7.19
CA LEU A 348 11.52 -15.98 -6.55
C LEU A 348 12.90 -15.56 -7.02
N PRO A 349 13.84 -16.53 -7.20
CA PRO A 349 15.13 -16.10 -7.76
C PRO A 349 14.98 -15.31 -9.07
N ALA A 350 14.02 -15.67 -9.90
CA ALA A 350 13.79 -14.96 -11.16
C ALA A 350 13.33 -13.53 -10.91
N PHE A 351 12.41 -13.36 -9.96
CA PHE A 351 11.94 -12.03 -9.62
C PHE A 351 13.06 -11.19 -9.05
N ALA A 352 13.94 -11.82 -8.27
CA ALA A 352 15.08 -11.10 -7.71
C ALA A 352 16.06 -10.72 -8.81
N ALA A 353 16.24 -11.60 -9.78
CA ALA A 353 17.11 -11.30 -10.90
C ALA A 353 16.55 -10.14 -11.69
N ILE A 354 15.23 -10.11 -11.88
CA ILE A 354 14.61 -8.99 -12.54
C ILE A 354 15.02 -7.74 -11.80
N GLY A 355 14.83 -7.72 -10.49
CA GLY A 355 15.22 -6.57 -9.69
C GLY A 355 16.65 -6.14 -9.88
N ILE A 356 17.60 -7.06 -9.73
CA ILE A 356 19.00 -6.73 -9.87
C ILE A 356 19.28 -6.11 -11.23
N CYS A 357 18.81 -6.76 -12.29
CA CYS A 357 19.05 -6.27 -13.64
C CYS A 357 18.33 -4.96 -13.90
N CYS A 358 17.16 -4.79 -13.32
CA CYS A 358 16.41 -3.55 -13.47
C CYS A 358 17.12 -2.42 -12.75
N GLY A 359 17.84 -2.74 -11.68
CA GLY A 359 18.60 -1.73 -10.97
C GLY A 359 19.77 -1.30 -11.82
N LEU A 360 20.41 -2.26 -12.47
CA LEU A 360 21.52 -1.93 -13.35
C LEU A 360 21.03 -1.11 -14.53
N LEU A 361 19.91 -1.50 -15.11
CA LEU A 361 19.36 -0.79 -16.25
C LEU A 361 18.81 0.56 -15.86
N GLY A 362 18.34 0.69 -14.63
CA GLY A 362 17.84 1.96 -14.15
C GLY A 362 18.99 2.92 -14.03
N ALA A 363 20.13 2.43 -13.56
CA ALA A 363 21.30 3.28 -13.47
C ALA A 363 21.78 3.68 -14.85
N VAL A 364 21.75 2.75 -15.80
CA VAL A 364 22.15 3.07 -17.16
C VAL A 364 21.22 4.13 -17.73
N PHE A 365 19.92 4.01 -17.49
CA PHE A 365 18.97 5.02 -17.95
C PHE A 365 19.36 6.37 -17.40
N VAL A 366 19.49 6.48 -16.08
CA VAL A 366 19.83 7.76 -15.48
C VAL A 366 21.14 8.29 -16.04
N TYR A 367 22.16 7.44 -16.08
CA TYR A 367 23.45 7.86 -16.61
C TYR A 367 23.33 8.38 -18.03
N LEU A 368 22.76 7.59 -18.92
CA LEU A 368 22.66 8.00 -20.32
C LEU A 368 21.81 9.23 -20.51
N HIS A 369 20.73 9.35 -19.74
CA HIS A 369 19.89 10.52 -19.84
C HIS A 369 20.65 11.75 -19.40
N ARG A 370 21.38 11.65 -18.29
CA ARG A 370 22.18 12.77 -17.82
C ARG A 370 23.25 13.11 -18.83
N GLN A 371 23.85 12.09 -19.44
CA GLN A 371 24.91 12.31 -20.41
C GLN A 371 24.38 13.05 -21.64
N VAL A 372 23.19 12.67 -22.10
CA VAL A 372 22.59 13.34 -23.25
C VAL A 372 22.15 14.72 -22.84
N MET A 373 21.64 14.85 -21.63
CA MET A 373 21.10 16.13 -21.18
C MET A 373 22.25 17.11 -21.09
N LEU A 374 23.38 16.67 -20.54
CA LEU A 374 24.54 17.53 -20.44
C LEU A 374 25.08 17.78 -21.83
N GLY A 375 25.31 16.71 -22.58
CA GLY A 375 25.84 16.83 -23.92
C GLY A 375 25.24 17.90 -24.80
N VAL A 376 23.91 17.97 -24.87
CA VAL A 376 23.27 18.93 -25.76
C VAL A 376 23.55 20.39 -25.39
N ARG A 377 23.86 20.66 -24.13
CA ARG A 377 24.20 22.02 -23.74
C ARG A 377 25.71 22.22 -23.53
N LYS A 378 26.38 21.23 -22.99
CA LYS A 378 27.80 21.36 -22.71
C LYS A 378 28.62 21.49 -23.99
N HIS A 379 28.15 20.89 -25.07
CA HIS A 379 28.83 21.06 -26.35
C HIS A 379 28.46 22.43 -26.86
N LYS A 380 29.42 23.35 -26.91
CA LYS A 380 29.12 24.71 -27.32
C LYS A 380 28.41 24.80 -28.67
N ALA A 381 28.97 24.18 -29.69
CA ALA A 381 28.36 24.22 -31.01
C ALA A 381 26.91 23.75 -30.95
N LEU A 382 26.68 22.61 -30.31
CA LEU A 382 25.33 22.07 -30.21
C LEU A 382 24.38 23.09 -29.58
N SER A 383 24.71 23.57 -28.39
CA SER A 383 23.83 24.51 -27.71
C SER A 383 23.55 25.74 -28.55
N GLN A 384 24.58 26.32 -29.15
CA GLN A 384 24.41 27.50 -29.99
C GLN A 384 23.44 27.23 -31.13
N PHE A 385 23.68 26.14 -31.86
CA PHE A 385 22.81 25.78 -32.98
C PHE A 385 21.38 25.57 -32.50
N LEU A 386 21.23 24.85 -31.40
CA LEU A 386 19.88 24.54 -30.90
C LEU A 386 19.19 25.74 -30.27
N ALA A 387 19.95 26.78 -29.95
CA ALA A 387 19.35 27.99 -29.41
C ALA A 387 18.81 28.82 -30.55
N LYS A 388 19.51 28.81 -31.68
CA LYS A 388 19.04 29.53 -32.86
C LYS A 388 17.82 28.81 -33.41
N HIS A 389 17.86 27.48 -33.39
CA HIS A 389 16.73 26.71 -33.87
C HIS A 389 16.18 25.88 -32.73
N ARG A 390 15.30 26.47 -31.94
CA ARG A 390 14.76 25.77 -30.77
C ARG A 390 13.94 24.54 -31.11
N LEU A 391 13.31 24.52 -32.28
CA LEU A 391 12.46 23.40 -32.66
C LEU A 391 13.21 22.36 -33.48
N LEU A 392 14.54 22.45 -33.49
CA LEU A 392 15.33 21.48 -34.21
C LEU A 392 15.48 20.21 -33.40
N TYR A 393 15.96 20.33 -32.16
CA TYR A 393 16.10 19.16 -31.30
C TYR A 393 14.79 18.38 -31.13
N PRO A 394 13.70 19.03 -30.68
CA PRO A 394 12.48 18.22 -30.59
C PRO A 394 12.11 17.64 -31.93
N GLY A 395 12.23 18.40 -33.00
CA GLY A 395 11.91 17.92 -34.33
C GLY A 395 12.64 16.65 -34.69
N ILE A 396 13.97 16.67 -34.67
CA ILE A 396 14.74 15.50 -35.08
C ILE A 396 14.52 14.30 -34.18
N VAL A 397 14.45 14.52 -32.87
CA VAL A 397 14.22 13.42 -31.95
C VAL A 397 12.88 12.78 -32.24
N THR A 398 11.82 13.58 -32.31
CA THR A 398 10.49 13.05 -32.61
C THR A 398 10.50 12.31 -33.92
N PHE A 399 11.11 12.89 -34.94
CA PHE A 399 11.13 12.26 -36.25
C PHE A 399 11.75 10.89 -36.19
N VAL A 400 12.95 10.78 -35.62
CA VAL A 400 13.63 9.49 -35.61
C VAL A 400 12.91 8.45 -34.74
N ILE A 401 12.31 8.89 -33.63
CA ILE A 401 11.56 7.97 -32.79
C ILE A 401 10.38 7.44 -33.57
N ALA A 402 9.64 8.32 -34.23
CA ALA A 402 8.47 7.91 -34.99
C ALA A 402 8.82 7.12 -36.24
N SER A 403 10.00 7.37 -36.81
CA SER A 403 10.41 6.67 -38.00
C SER A 403 10.87 5.26 -37.67
N PHE A 404 11.26 5.03 -36.42
CA PHE A 404 11.68 3.71 -36.00
C PHE A 404 10.52 2.94 -35.42
N THR A 405 9.46 3.63 -35.03
CA THR A 405 8.28 2.95 -34.52
C THR A 405 7.27 2.72 -35.64
N PHE A 406 7.60 3.18 -36.85
CA PHE A 406 6.71 3.02 -38.00
C PHE A 406 6.34 1.56 -38.13
N PRO A 407 5.05 1.24 -37.95
CA PRO A 407 4.67 -0.18 -37.95
C PRO A 407 5.08 -1.02 -39.17
N PRO A 408 4.94 -0.51 -40.41
CA PRO A 408 5.42 -1.35 -41.52
C PRO A 408 6.90 -1.19 -41.82
N GLY A 409 7.69 -0.75 -40.85
CA GLY A 409 9.10 -0.55 -41.06
C GLY A 409 9.91 -1.30 -40.04
N MET A 410 10.18 -0.66 -38.90
CA MET A 410 10.92 -1.32 -37.85
C MET A 410 9.98 -1.57 -36.70
N GLY A 411 8.82 -0.96 -36.73
CA GLY A 411 7.84 -1.15 -35.67
C GLY A 411 7.21 -2.51 -35.67
N GLN A 412 7.45 -3.30 -36.71
CA GLN A 412 6.92 -4.64 -36.76
C GLN A 412 7.78 -5.54 -35.90
N PHE A 413 9.01 -5.12 -35.64
CA PHE A 413 9.92 -5.92 -34.83
C PHE A 413 10.05 -5.37 -33.43
N MET A 414 9.26 -4.37 -33.11
CA MET A 414 9.34 -3.76 -31.78
C MET A 414 7.98 -3.30 -31.29
N ALA A 415 6.90 -3.80 -31.89
CA ALA A 415 5.55 -3.36 -31.52
C ALA A 415 5.45 -1.85 -31.44
N GLY A 416 5.81 -1.16 -32.52
CA GLY A 416 5.75 0.29 -32.53
C GLY A 416 4.34 0.79 -32.69
N GLU A 417 3.46 -0.04 -33.24
CA GLU A 417 2.07 0.34 -33.38
C GLU A 417 1.46 0.65 -32.03
N LEU A 418 1.89 -0.07 -31.00
CA LEU A 418 1.35 0.12 -29.68
C LEU A 418 1.79 1.43 -29.07
N MET A 419 0.86 2.15 -28.48
CA MET A 419 1.18 3.42 -27.84
C MET A 419 1.47 3.13 -26.38
N PRO A 420 2.17 4.02 -25.67
CA PRO A 420 2.56 3.77 -24.28
C PRO A 420 1.57 2.97 -23.45
N ARG A 421 0.32 3.43 -23.33
CA ARG A 421 -0.66 2.74 -22.51
C ARG A 421 -1.02 1.36 -23.03
N GLU A 422 -1.17 1.23 -24.34
CA GLU A 422 -1.48 -0.06 -24.94
C GLU A 422 -0.36 -1.04 -24.69
N ALA A 423 0.88 -0.58 -24.71
CA ALA A 423 2.00 -1.44 -24.42
C ALA A 423 1.86 -2.04 -23.03
N ILE A 424 1.68 -1.21 -22.02
CA ILE A 424 1.50 -1.71 -20.66
C ILE A 424 0.31 -2.64 -20.53
N SER A 425 -0.78 -2.33 -21.22
CA SER A 425 -1.97 -3.16 -21.13
C SER A 425 -1.76 -4.54 -21.71
N THR A 426 -0.93 -4.63 -22.74
CA THR A 426 -0.67 -5.92 -23.36
C THR A 426 0.47 -6.65 -22.68
N LEU A 427 1.45 -5.91 -22.18
CA LEU A 427 2.55 -6.53 -21.45
C LEU A 427 2.05 -7.08 -20.13
N PHE A 428 0.92 -6.58 -19.64
CA PHE A 428 0.36 -7.06 -18.39
C PHE A 428 -0.77 -8.04 -18.70
N ASP A 429 -0.65 -8.77 -19.80
CA ASP A 429 -1.70 -9.72 -20.19
C ASP A 429 -1.64 -11.01 -19.40
N ASN A 430 -2.73 -11.76 -19.41
CA ASN A 430 -2.77 -13.01 -18.67
C ASN A 430 -2.45 -14.18 -19.58
N ASN A 431 -1.79 -13.90 -20.71
CA ASN A 431 -1.46 -14.95 -21.67
C ASN A 431 0.01 -15.28 -21.66
N THR A 432 0.41 -16.23 -22.47
CA THR A 432 1.82 -16.57 -22.60
C THR A 432 2.14 -16.52 -24.06
N TRP A 433 2.70 -15.41 -24.52
CA TRP A 433 2.94 -15.24 -25.95
C TRP A 433 3.80 -16.32 -26.56
N VAL A 434 4.70 -16.90 -25.77
CA VAL A 434 5.59 -17.92 -26.29
C VAL A 434 4.85 -19.21 -26.65
N LYS A 435 3.69 -19.43 -26.04
CA LYS A 435 2.91 -20.62 -26.33
C LYS A 435 1.90 -20.37 -27.45
N HIS A 436 1.35 -19.16 -27.48
CA HIS A 436 0.37 -18.81 -28.51
C HIS A 436 1.03 -18.03 -29.63
N ALA A 437 2.19 -18.49 -30.07
CA ALA A 437 2.89 -17.82 -31.16
C ALA A 437 2.45 -18.46 -32.46
N GLY A 438 2.22 -19.76 -32.45
CA GLY A 438 1.72 -20.44 -33.63
C GLY A 438 0.29 -20.05 -33.86
N ASP A 439 -0.39 -19.63 -32.80
CA ASP A 439 -1.77 -19.16 -32.94
C ASP A 439 -1.89 -17.72 -32.47
N PRO A 440 -1.67 -16.76 -33.38
CA PRO A 440 -1.87 -15.36 -33.00
C PRO A 440 -3.34 -15.01 -33.19
N GLU A 441 -3.65 -13.72 -33.33
CA GLU A 441 -5.04 -13.29 -33.50
C GLU A 441 -5.97 -13.99 -32.52
N SER A 442 -5.52 -14.17 -31.29
CA SER A 442 -6.32 -14.84 -30.27
C SER A 442 -5.92 -14.21 -28.97
N LEU A 443 -4.84 -13.45 -28.99
CA LEU A 443 -4.36 -12.80 -27.78
C LEU A 443 -4.94 -11.41 -27.69
N GLY A 444 -5.67 -11.00 -28.72
CA GLY A 444 -6.30 -9.69 -28.72
C GLY A 444 -5.38 -8.61 -29.21
N GLN A 445 -5.17 -7.59 -28.38
CA GLN A 445 -4.27 -6.51 -28.76
C GLN A 445 -2.83 -6.92 -28.54
N SER A 446 -2.63 -8.08 -27.93
CA SER A 446 -1.29 -8.57 -27.66
C SER A 446 -0.78 -9.43 -28.80
N ALA A 447 -1.48 -9.40 -29.92
CA ALA A 447 -1.07 -10.17 -31.09
C ALA A 447 -0.10 -9.39 -31.94
N VAL A 448 0.14 -8.13 -31.59
CA VAL A 448 1.10 -7.30 -32.33
C VAL A 448 2.51 -7.67 -31.90
N TRP A 449 2.62 -8.38 -30.79
CA TRP A 449 3.93 -8.79 -30.30
C TRP A 449 4.37 -10.04 -31.02
N ILE A 450 3.41 -10.82 -31.48
CA ILE A 450 3.74 -12.03 -32.22
C ILE A 450 4.00 -11.65 -33.67
N HIS A 451 5.27 -11.70 -34.08
CA HIS A 451 5.62 -11.39 -35.45
C HIS A 451 5.66 -12.69 -36.23
N PRO A 452 5.13 -12.69 -37.46
CA PRO A 452 5.16 -13.89 -38.30
C PRO A 452 6.47 -14.66 -38.23
N ARG A 453 7.60 -13.97 -38.39
CA ARG A 453 8.90 -14.64 -38.37
C ARG A 453 9.60 -14.47 -37.03
N VAL A 454 10.00 -13.25 -36.70
CA VAL A 454 10.73 -13.00 -35.46
C VAL A 454 10.00 -13.50 -34.22
N ASN A 455 10.70 -14.30 -33.40
CA ASN A 455 10.10 -14.85 -32.19
C ASN A 455 9.72 -13.76 -31.20
N VAL A 456 8.58 -13.92 -30.52
CA VAL A 456 8.13 -12.92 -29.55
C VAL A 456 9.22 -12.40 -28.64
N VAL A 457 9.99 -13.30 -28.04
CA VAL A 457 11.06 -12.89 -27.13
C VAL A 457 11.96 -11.85 -27.75
N ILE A 458 12.37 -12.06 -29.00
CA ILE A 458 13.25 -11.11 -29.67
C ILE A 458 12.57 -9.77 -29.95
N ILE A 459 11.27 -9.78 -30.24
CA ILE A 459 10.57 -8.52 -30.43
C ILE A 459 10.38 -7.75 -29.11
N ILE A 460 10.24 -8.46 -28.00
CA ILE A 460 10.15 -7.78 -26.71
C ILE A 460 11.52 -7.21 -26.40
N PHE A 461 12.56 -7.93 -26.77
CA PHE A 461 13.92 -7.45 -26.55
C PHE A 461 14.14 -6.20 -27.37
N LEU A 462 13.74 -6.23 -28.63
CA LEU A 462 13.94 -5.07 -29.50
C LEU A 462 13.10 -3.91 -29.03
N PHE A 463 11.91 -4.18 -28.51
CA PHE A 463 11.08 -3.12 -27.97
C PHE A 463 11.86 -2.46 -26.85
N PHE A 464 12.33 -3.25 -25.90
CA PHE A 464 13.08 -2.70 -24.78
C PHE A 464 14.29 -1.89 -25.24
N VAL A 465 15.08 -2.43 -26.14
CA VAL A 465 16.28 -1.73 -26.59
C VAL A 465 15.92 -0.44 -27.31
N MET A 466 15.00 -0.53 -28.25
CA MET A 466 14.60 0.65 -29.00
C MET A 466 13.97 1.69 -28.10
N LYS A 467 13.06 1.27 -27.24
CA LYS A 467 12.39 2.22 -26.36
C LYS A 467 13.27 2.72 -25.24
N PHE A 468 14.43 2.11 -25.05
CA PHE A 468 15.36 2.58 -24.03
C PHE A 468 15.94 3.90 -24.50
N TRP A 469 16.56 3.89 -25.67
CA TRP A 469 17.11 5.13 -26.21
C TRP A 469 16.01 6.14 -26.51
N MET A 470 14.88 5.67 -27.02
CA MET A 470 13.77 6.56 -27.32
C MET A 470 13.35 7.31 -26.08
N SER A 471 13.15 6.61 -24.98
CA SER A 471 12.73 7.25 -23.74
C SER A 471 13.79 8.20 -23.20
N ILE A 472 15.05 7.83 -23.32
CA ILE A 472 16.12 8.68 -22.84
C ILE A 472 16.14 10.00 -23.59
N VAL A 473 16.03 9.96 -24.92
CA VAL A 473 16.11 11.19 -25.71
C VAL A 473 14.79 11.97 -25.75
N ALA A 474 13.68 11.34 -25.39
CA ALA A 474 12.40 12.04 -25.36
C ALA A 474 12.27 12.83 -24.08
N THR A 475 12.92 12.36 -23.02
CA THR A 475 12.90 13.07 -21.75
C THR A 475 13.93 14.18 -21.75
N THR A 476 14.64 14.35 -22.85
CA THR A 476 15.63 15.41 -22.98
C THR A 476 15.04 16.56 -23.79
N MET A 477 13.93 16.31 -24.46
CA MET A 477 13.32 17.33 -25.31
C MET A 477 12.81 18.50 -24.49
N PRO A 478 12.79 19.71 -25.08
CA PRO A 478 12.30 20.90 -24.38
C PRO A 478 10.79 20.96 -24.27
N ILE A 479 10.17 19.93 -23.71
CA ILE A 479 8.72 19.88 -23.56
C ILE A 479 8.47 19.41 -22.14
N PRO A 480 7.22 19.48 -21.67
CA PRO A 480 6.97 18.91 -20.35
C PRO A 480 7.09 17.41 -20.41
N CYS A 481 8.06 16.83 -19.71
CA CYS A 481 8.27 15.39 -19.81
C CYS A 481 8.79 14.79 -18.51
N GLY A 482 8.15 13.73 -18.06
CA GLY A 482 8.60 13.06 -16.85
C GLY A 482 9.24 11.74 -17.21
N GLY A 483 9.30 10.82 -16.25
CA GLY A 483 9.98 9.57 -16.50
C GLY A 483 9.28 8.29 -16.09
N PHE A 484 8.27 8.39 -15.23
CA PHE A 484 7.61 7.19 -14.72
C PHE A 484 7.14 6.29 -15.85
N MET A 485 6.22 6.77 -16.66
CA MET A 485 5.66 5.92 -17.72
C MET A 485 6.66 5.39 -18.73
N PRO A 486 7.56 6.24 -19.26
CA PRO A 486 8.55 5.65 -20.16
C PRO A 486 9.27 4.46 -19.53
N VAL A 487 9.76 4.60 -18.30
CA VAL A 487 10.48 3.52 -17.63
C VAL A 487 9.54 2.41 -17.17
N PHE A 488 8.26 2.72 -17.01
CA PHE A 488 7.28 1.71 -16.64
C PHE A 488 7.10 0.73 -17.79
N VAL A 489 6.98 1.24 -19.00
CA VAL A 489 6.84 0.36 -20.16
C VAL A 489 8.14 -0.38 -20.43
N LEU A 490 9.27 0.22 -20.08
CA LEU A 490 10.55 -0.42 -20.27
C LEU A 490 10.71 -1.56 -19.28
N GLY A 491 10.30 -1.31 -18.05
CA GLY A 491 10.38 -2.34 -17.04
C GLY A 491 9.43 -3.48 -17.36
N ALA A 492 8.25 -3.14 -17.84
CA ALA A 492 7.28 -4.16 -18.20
C ALA A 492 7.82 -5.03 -19.31
N ALA A 493 8.52 -4.42 -20.26
CA ALA A 493 9.10 -5.17 -21.35
C ALA A 493 10.16 -6.12 -20.84
N PHE A 494 11.07 -5.63 -20.01
CA PHE A 494 12.10 -6.50 -19.45
C PHE A 494 11.48 -7.62 -18.64
N GLY A 495 10.54 -7.28 -17.76
CA GLY A 495 9.88 -8.29 -16.98
C GLY A 495 9.21 -9.33 -17.84
N ARG A 496 8.50 -8.91 -18.87
CA ARG A 496 7.82 -9.85 -19.75
C ARG A 496 8.82 -10.72 -20.47
N LEU A 497 9.91 -10.14 -20.94
CA LEU A 497 10.95 -10.93 -21.59
C LEU A 497 11.39 -12.04 -20.67
N VAL A 498 11.73 -11.71 -19.42
CA VAL A 498 12.12 -12.72 -18.45
C VAL A 498 11.02 -13.77 -18.29
N GLY A 499 9.79 -13.32 -18.08
CA GLY A 499 8.67 -14.24 -17.92
C GLY A 499 8.41 -15.15 -19.09
N GLU A 500 8.63 -14.66 -20.31
CA GLU A 500 8.42 -15.47 -21.49
C GLU A 500 9.55 -16.48 -21.63
N ILE A 501 10.75 -16.10 -21.24
CA ILE A 501 11.87 -17.03 -21.26
C ILE A 501 11.63 -18.08 -20.19
N MET A 502 11.07 -17.67 -19.06
CA MET A 502 10.78 -18.61 -17.99
C MET A 502 9.70 -19.57 -18.41
N ALA A 503 8.78 -19.11 -19.25
CA ALA A 503 7.72 -19.98 -19.75
C ALA A 503 8.25 -20.89 -20.84
N MET A 504 9.39 -20.54 -21.41
CA MET A 504 10.00 -21.37 -22.44
C MET A 504 10.87 -22.40 -21.75
N LEU A 505 11.43 -22.05 -20.61
CA LEU A 505 12.29 -22.97 -19.87
C LEU A 505 11.44 -23.92 -19.06
N PHE A 506 10.30 -23.43 -18.58
CA PHE A 506 9.39 -24.27 -17.81
C PHE A 506 8.04 -24.27 -18.48
N PRO A 507 7.86 -25.08 -19.53
CA PRO A 507 6.60 -25.07 -20.27
C PRO A 507 5.44 -25.68 -19.50
N ASP A 508 5.74 -26.58 -18.58
CA ASP A 508 4.69 -27.24 -17.81
C ASP A 508 4.57 -26.66 -16.41
N GLY A 509 5.33 -25.61 -16.12
CA GLY A 509 5.25 -24.97 -14.83
C GLY A 509 6.32 -25.44 -13.87
N ILE A 510 6.35 -24.87 -12.68
CA ILE A 510 7.33 -25.28 -11.68
C ILE A 510 6.65 -25.79 -10.41
N LEU A 511 6.86 -27.04 -10.08
CA LEU A 511 6.25 -27.61 -8.87
C LEU A 511 6.96 -27.12 -7.62
N PHE A 512 6.18 -26.72 -6.62
CA PHE A 512 6.77 -26.26 -5.36
C PHE A 512 6.57 -27.34 -4.31
N ASP A 513 5.57 -27.17 -3.46
CA ASP A 513 5.28 -28.18 -2.46
C ASP A 513 4.46 -29.27 -3.11
N ASP A 514 3.24 -28.95 -3.50
CA ASP A 514 2.40 -29.91 -4.18
C ASP A 514 1.67 -29.17 -5.27
N ILE A 515 2.14 -27.97 -5.60
CA ILE A 515 1.45 -27.16 -6.58
C ILE A 515 2.32 -26.87 -7.79
N ILE A 516 1.83 -27.19 -8.98
CA ILE A 516 2.57 -26.87 -10.20
C ILE A 516 2.25 -25.45 -10.61
N TYR A 517 3.02 -24.50 -10.11
CA TYR A 517 2.79 -23.11 -10.44
C TYR A 517 3.11 -22.83 -11.89
N LYS A 518 2.12 -22.40 -12.66
CA LYS A 518 2.35 -22.08 -14.06
C LYS A 518 2.93 -20.67 -14.18
N ILE A 519 3.80 -20.47 -15.16
CA ILE A 519 4.45 -19.18 -15.33
C ILE A 519 3.49 -18.17 -15.93
N LEU A 520 3.38 -17.01 -15.28
CA LEU A 520 2.53 -15.95 -15.82
C LEU A 520 3.46 -14.83 -16.23
N PRO A 521 3.79 -14.76 -17.52
CA PRO A 521 4.74 -13.74 -17.97
C PRO A 521 4.29 -12.32 -17.68
N GLY A 522 2.98 -12.08 -17.67
CA GLY A 522 2.46 -10.76 -17.39
C GLY A 522 2.71 -10.37 -15.95
N GLY A 523 2.72 -11.35 -15.06
CA GLY A 523 3.02 -11.07 -13.66
C GLY A 523 4.43 -10.58 -13.53
N TYR A 524 5.35 -11.22 -14.24
CA TYR A 524 6.75 -10.80 -14.23
C TYR A 524 6.86 -9.38 -14.74
N ALA A 525 6.04 -9.02 -15.72
CA ALA A 525 6.07 -7.67 -16.27
C ALA A 525 5.69 -6.63 -15.24
N VAL A 526 4.65 -6.89 -14.45
CA VAL A 526 4.27 -5.96 -13.40
C VAL A 526 5.43 -5.73 -12.46
N ILE A 527 6.09 -6.81 -12.04
CA ILE A 527 7.24 -6.70 -11.15
C ILE A 527 8.36 -5.91 -11.81
N GLY A 528 8.67 -6.22 -13.06
CA GLY A 528 9.72 -5.50 -13.76
C GLY A 528 9.44 -4.03 -13.89
N ALA A 529 8.19 -3.67 -14.14
CA ALA A 529 7.81 -2.27 -14.26
C ALA A 529 8.12 -1.57 -12.97
N ALA A 530 7.61 -2.10 -11.86
CA ALA A 530 7.86 -1.51 -10.55
C ALA A 530 9.33 -1.43 -10.22
N ALA A 531 10.11 -2.43 -10.62
CA ALA A 531 11.52 -2.46 -10.31
C ALA A 531 12.31 -1.40 -11.07
N LEU A 532 12.11 -1.29 -12.38
CA LEU A 532 12.90 -0.35 -13.16
C LEU A 532 12.48 1.08 -12.86
N THR A 533 11.19 1.29 -12.63
CA THR A 533 10.71 2.63 -12.31
C THR A 533 11.02 2.99 -10.86
N GLY A 534 11.42 2.00 -10.07
CA GLY A 534 11.80 2.26 -8.69
C GLY A 534 13.30 2.40 -8.59
N ALA A 535 14.01 1.97 -9.62
CA ALA A 535 15.45 2.12 -9.65
C ALA A 535 15.79 3.46 -10.25
N VAL A 536 14.96 3.93 -11.16
CA VAL A 536 15.20 5.22 -11.79
C VAL A 536 14.82 6.32 -10.82
N SER A 537 13.73 6.13 -10.07
CA SER A 537 13.28 7.16 -9.15
C SER A 537 13.77 6.93 -7.73
N HIS A 538 14.51 5.85 -7.52
CA HIS A 538 15.02 5.50 -6.17
C HIS A 538 13.90 5.43 -5.15
N THR A 539 12.79 4.79 -5.51
CA THR A 539 11.67 4.66 -4.59
C THR A 539 11.22 3.22 -4.50
N VAL A 540 10.64 2.86 -3.36
CA VAL A 540 10.14 1.51 -3.18
C VAL A 540 8.63 1.55 -3.13
N SER A 541 8.05 2.72 -3.39
CA SER A 541 6.60 2.87 -3.35
C SER A 541 5.99 2.51 -4.68
N THR A 542 6.84 2.19 -5.65
CA THR A 542 6.35 1.80 -6.96
C THR A 542 5.69 0.44 -6.85
N ALA A 543 6.09 -0.35 -5.87
CA ALA A 543 5.45 -1.63 -5.65
C ALA A 543 4.00 -1.39 -5.29
N VAL A 544 3.74 -0.45 -4.37
CA VAL A 544 2.37 -0.15 -3.97
C VAL A 544 1.56 0.42 -5.11
N ILE A 545 2.17 1.26 -5.94
CA ILE A 545 1.47 1.79 -7.10
C ILE A 545 1.02 0.63 -7.96
N CYS A 546 1.92 -0.31 -8.19
CA CYS A 546 1.59 -1.48 -9.00
C CYS A 546 0.53 -2.35 -8.35
N PHE A 547 0.62 -2.55 -7.04
CA PHE A 547 -0.36 -3.37 -6.34
C PHE A 547 -1.76 -2.83 -6.55
N GLU A 548 -1.91 -1.51 -6.49
CA GLU A 548 -3.23 -0.91 -6.64
C GLU A 548 -3.66 -0.86 -8.10
N LEU A 549 -2.70 -0.80 -9.01
CA LEU A 549 -3.04 -0.78 -10.43
C LEU A 549 -3.39 -2.17 -10.89
N THR A 550 -2.92 -3.19 -10.18
CA THR A 550 -3.17 -4.57 -10.56
C THR A 550 -3.81 -5.32 -9.40
N GLY A 551 -3.39 -6.57 -9.19
CA GLY A 551 -3.89 -7.32 -8.05
C GLY A 551 -2.84 -7.19 -6.95
N GLN A 552 -3.02 -7.88 -5.84
CA GLN A 552 -2.08 -7.70 -4.73
C GLN A 552 -1.37 -8.95 -4.27
N ILE A 553 -2.06 -9.83 -3.56
CA ILE A 553 -1.42 -11.02 -2.99
C ILE A 553 -0.68 -11.91 -3.95
N ALA A 554 0.23 -12.74 -3.42
CA ALA A 554 1.04 -13.66 -4.24
C ALA A 554 2.03 -12.93 -5.15
N HIS A 555 2.12 -11.62 -5.02
CA HIS A 555 3.07 -10.86 -5.79
C HIS A 555 3.61 -9.75 -4.92
N ILE A 556 3.24 -9.77 -3.65
CA ILE A 556 3.75 -8.77 -2.73
C ILE A 556 5.21 -9.03 -2.46
N LEU A 557 5.53 -10.21 -1.94
CA LEU A 557 6.92 -10.57 -1.69
C LEU A 557 7.78 -10.54 -2.96
N PRO A 558 7.34 -11.18 -4.06
CA PRO A 558 8.14 -11.05 -5.28
C PRO A 558 8.46 -9.59 -5.61
N MET A 559 7.45 -8.72 -5.63
CA MET A 559 7.68 -7.34 -5.99
C MET A 559 8.56 -6.63 -4.98
N MET A 560 8.28 -6.79 -3.70
CA MET A 560 9.10 -6.17 -2.68
C MET A 560 10.56 -6.51 -2.89
N VAL A 561 10.87 -7.80 -2.99
CA VAL A 561 12.24 -8.23 -3.20
C VAL A 561 12.82 -7.54 -4.41
N ALA A 562 12.14 -7.64 -5.54
CA ALA A 562 12.64 -7.03 -6.77
C ALA A 562 12.89 -5.53 -6.63
N VAL A 563 11.89 -4.78 -6.18
CA VAL A 563 12.06 -3.32 -6.07
C VAL A 563 13.15 -2.94 -5.09
N ILE A 564 13.25 -3.64 -3.96
CA ILE A 564 14.31 -3.36 -2.99
C ILE A 564 15.67 -3.62 -3.61
N LEU A 565 15.82 -4.76 -4.28
CA LEU A 565 17.09 -5.09 -4.93
C LEU A 565 17.41 -4.08 -6.01
N ALA A 566 16.41 -3.65 -6.77
CA ALA A 566 16.61 -2.66 -7.81
C ALA A 566 17.11 -1.37 -7.18
N ASN A 567 16.41 -0.89 -6.17
CA ASN A 567 16.81 0.33 -5.50
C ASN A 567 18.24 0.22 -5.05
N MET A 568 18.59 -0.87 -4.37
CA MET A 568 19.94 -1.06 -3.88
C MET A 568 20.99 -0.95 -4.98
N VAL A 569 20.85 -1.75 -6.02
CA VAL A 569 21.81 -1.72 -7.12
C VAL A 569 21.90 -0.33 -7.72
N ALA A 570 20.75 0.27 -8.02
CA ALA A 570 20.73 1.59 -8.65
C ALA A 570 21.32 2.67 -7.75
N GLN A 571 21.00 2.64 -6.46
CA GLN A 571 21.50 3.63 -5.54
C GLN A 571 23.01 3.55 -5.45
N SER A 572 23.54 2.34 -5.53
CA SER A 572 24.98 2.15 -5.46
C SER A 572 25.68 2.64 -6.71
N LEU A 573 24.97 2.69 -7.82
CA LEU A 573 25.59 3.08 -9.08
C LEU A 573 25.40 4.54 -9.46
N GLN A 574 24.16 4.94 -9.73
CA GLN A 574 23.91 6.32 -10.18
C GLN A 574 22.90 7.03 -9.29
N PRO A 575 22.78 8.36 -9.42
CA PRO A 575 21.75 9.08 -8.67
C PRO A 575 20.36 8.81 -9.23
N SER A 576 19.33 9.35 -8.61
CA SER A 576 17.97 9.17 -9.11
C SER A 576 17.80 10.08 -10.32
N LEU A 577 16.79 9.82 -11.14
CA LEU A 577 16.54 10.65 -12.30
C LEU A 577 16.42 12.09 -11.86
N TYR A 578 15.57 12.33 -10.87
CA TYR A 578 15.33 13.69 -10.41
C TYR A 578 16.55 14.33 -9.77
N ASP A 579 17.32 13.54 -9.04
CA ASP A 579 18.55 14.07 -8.44
C ASP A 579 19.58 14.37 -9.50
N SER A 580 19.63 13.55 -10.54
CA SER A 580 20.56 13.79 -11.63
C SER A 580 20.15 15.02 -12.42
N ILE A 581 18.85 15.25 -12.55
CA ILE A 581 18.38 16.43 -13.25
C ILE A 581 18.69 17.66 -12.42
N ILE A 582 18.56 17.53 -11.10
CA ILE A 582 18.93 18.64 -10.22
C ILE A 582 20.37 19.01 -10.51
N GLN A 583 21.26 18.02 -10.57
CA GLN A 583 22.66 18.27 -10.84
C GLN A 583 22.90 18.91 -12.20
N VAL A 584 22.22 18.42 -13.24
CA VAL A 584 22.36 19.00 -14.57
C VAL A 584 21.97 20.47 -14.55
N LYS A 585 20.84 20.78 -13.93
CA LYS A 585 20.37 22.17 -13.89
C LYS A 585 21.02 22.94 -12.77
N LYS A 586 21.98 22.34 -12.08
CA LYS A 586 22.68 23.00 -10.98
C LYS A 586 21.72 23.66 -10.01
N LEU A 587 20.64 22.96 -9.68
CA LEU A 587 19.64 23.52 -8.78
C LEU A 587 20.22 23.57 -7.38
N PRO A 588 20.02 24.70 -6.69
CA PRO A 588 20.56 24.86 -5.33
C PRO A 588 20.20 23.70 -4.44
N TYR A 589 18.97 23.23 -4.51
CA TYR A 589 18.53 22.09 -3.71
C TYR A 589 18.87 22.30 -2.25
N GLY B 115 26.23 -1.85 3.71
CA GLY B 115 27.34 -2.01 4.63
C GLY B 115 26.92 -2.76 5.87
N GLU B 116 27.23 -2.21 7.05
CA GLU B 116 26.83 -2.84 8.30
C GLU B 116 25.35 -2.67 8.53
N ASP B 117 24.77 -1.57 8.03
CA ASP B 117 23.35 -1.35 8.18
C ASP B 117 22.55 -2.41 7.43
N GLY B 118 23.03 -2.83 6.26
CA GLY B 118 22.35 -3.88 5.51
C GLY B 118 22.29 -5.16 6.31
N ILE B 119 23.38 -5.52 6.96
CA ILE B 119 23.40 -6.71 7.78
C ILE B 119 22.45 -6.54 8.95
N PHE B 120 22.44 -5.36 9.57
CA PHE B 120 21.53 -5.10 10.66
C PHE B 120 20.09 -5.32 10.23
N LEU B 121 19.71 -4.80 9.07
CA LEU B 121 18.35 -4.95 8.58
C LEU B 121 18.01 -6.41 8.33
N VAL B 122 18.92 -7.14 7.70
CA VAL B 122 18.69 -8.55 7.42
C VAL B 122 18.53 -9.31 8.73
N LEU B 123 19.43 -9.07 9.68
CA LEU B 123 19.36 -9.76 10.96
C LEU B 123 18.08 -9.41 11.67
N LEU B 124 17.69 -8.14 11.67
CA LEU B 124 16.45 -7.71 12.30
C LEU B 124 15.28 -8.49 11.74
N GLY B 125 15.12 -8.46 10.43
CA GLY B 125 14.02 -9.18 9.81
C GLY B 125 14.03 -10.64 10.14
N LEU B 126 15.17 -11.30 10.00
CA LEU B 126 15.27 -12.72 10.31
C LEU B 126 14.91 -12.98 11.75
N LEU B 127 15.55 -12.28 12.68
CA LEU B 127 15.30 -12.52 14.09
C LEU B 127 13.85 -12.30 14.44
N MET B 128 13.27 -11.20 13.97
CA MET B 128 11.88 -10.90 14.27
C MET B 128 10.94 -11.96 13.71
N ALA B 129 11.14 -12.38 12.47
CA ALA B 129 10.32 -13.41 11.89
C ALA B 129 10.38 -14.67 12.75
N LEU B 130 11.57 -15.04 13.18
CA LEU B 130 11.73 -16.22 14.01
C LEU B 130 11.04 -16.09 15.35
N VAL B 131 11.27 -14.98 16.04
CA VAL B 131 10.63 -14.74 17.34
C VAL B 131 9.12 -14.70 17.19
N SER B 132 8.63 -13.95 16.21
CA SER B 132 7.19 -13.86 15.99
C SER B 132 6.59 -15.21 15.66
N TRP B 133 7.26 -15.98 14.81
CA TRP B 133 6.76 -17.30 14.46
C TRP B 133 6.71 -18.16 15.70
N SER B 134 7.78 -18.19 16.47
CA SER B 134 7.81 -19.00 17.68
C SER B 134 6.69 -18.60 18.61
N MET B 135 6.56 -17.31 18.86
CA MET B 135 5.48 -16.81 19.72
C MET B 135 4.14 -17.28 19.20
N GLY B 136 3.86 -17.01 17.93
CA GLY B 136 2.59 -17.41 17.34
C GLY B 136 2.37 -18.91 17.35
N TYR B 137 3.42 -19.68 17.13
CA TYR B 137 3.31 -21.13 17.14
C TYR B 137 2.86 -21.61 18.50
N VAL B 138 3.54 -21.19 19.56
CA VAL B 138 3.20 -21.64 20.90
C VAL B 138 1.83 -21.13 21.30
N SER B 139 1.49 -19.91 20.89
CA SER B 139 0.18 -19.36 21.20
C SER B 139 -0.92 -20.14 20.51
N ALA B 140 -0.67 -20.57 19.28
CA ALA B 140 -1.66 -21.35 18.55
C ALA B 140 -1.82 -22.73 19.14
N LYS B 141 -0.71 -23.29 19.63
CA LYS B 141 -0.76 -24.61 20.25
C LYS B 141 -1.50 -24.52 21.56
N SER B 142 -1.37 -23.38 22.24
CA SER B 142 -2.07 -23.18 23.49
C SER B 142 -3.55 -23.02 23.25
N LEU B 143 -3.90 -22.33 22.17
CA LEU B 143 -5.30 -22.16 21.82
C LEU B 143 -5.91 -23.48 21.42
N GLN B 144 -5.12 -24.35 20.81
CA GLN B 144 -5.62 -25.67 20.43
C GLN B 144 -5.84 -26.52 21.66
N ALA B 145 -4.96 -26.43 22.64
CA ALA B 145 -5.13 -27.18 23.88
C ALA B 145 -6.35 -26.66 24.61
N TYR B 146 -6.58 -25.35 24.55
CA TYR B 146 -7.76 -24.76 25.18
C TYR B 146 -8.98 -25.41 24.59
N LYS B 147 -9.09 -25.37 23.27
CA LYS B 147 -10.25 -25.94 22.60
C LYS B 147 -10.39 -27.43 22.88
N TRP B 148 -9.28 -28.17 22.82
CA TRP B 148 -9.31 -29.61 23.05
C TRP B 148 -9.77 -29.95 24.46
N SER B 149 -9.22 -29.26 25.46
CA SER B 149 -9.57 -29.53 26.84
C SER B 149 -11.03 -29.22 27.09
N TYR B 150 -11.51 -28.13 26.49
CA TYR B 150 -12.90 -27.76 26.66
C TYR B 150 -13.78 -28.86 26.09
N ALA B 151 -13.42 -29.37 24.92
CA ALA B 151 -14.23 -30.39 24.28
C ALA B 151 -14.10 -31.75 24.94
N GLN B 152 -13.06 -31.94 25.74
CA GLN B 152 -12.87 -33.22 26.41
C GLN B 152 -13.82 -33.32 27.60
N MET B 153 -14.26 -32.18 28.12
CA MET B 153 -15.22 -32.18 29.22
C MET B 153 -16.62 -31.99 28.68
N GLN B 154 -16.82 -32.25 27.39
CA GLN B 154 -18.12 -32.02 26.74
C GLN B 154 -19.42 -32.23 27.55
N PRO B 155 -19.68 -33.45 28.03
CA PRO B 155 -20.98 -33.61 28.72
C PRO B 155 -21.11 -32.74 29.96
N SER B 156 -20.12 -32.77 30.85
CA SER B 156 -20.21 -32.02 32.09
C SER B 156 -20.13 -30.52 31.90
N LEU B 157 -21.25 -29.83 32.06
CA LEU B 157 -21.26 -28.37 31.93
C LEU B 157 -20.42 -27.63 32.98
N PRO B 158 -20.49 -28.04 34.27
CA PRO B 158 -19.61 -27.32 35.20
C PRO B 158 -18.12 -27.49 34.89
N LEU B 159 -17.73 -28.65 34.37
CA LEU B 159 -16.34 -28.89 34.03
C LEU B 159 -15.96 -28.11 32.78
N GLN B 160 -16.90 -27.96 31.86
CA GLN B 160 -16.63 -27.16 30.67
C GLN B 160 -16.37 -25.74 31.11
N PHE B 161 -17.13 -25.27 32.09
CA PHE B 161 -16.90 -23.93 32.62
C PHE B 161 -15.53 -23.82 33.21
N LEU B 162 -15.15 -24.79 34.03
CA LEU B 162 -13.83 -24.78 34.64
C LEU B 162 -12.75 -24.58 33.59
N VAL B 163 -12.69 -25.45 32.60
CA VAL B 163 -11.69 -25.33 31.55
C VAL B 163 -11.78 -23.98 30.83
N TRP B 164 -12.98 -23.57 30.47
CA TRP B 164 -13.15 -22.31 29.74
C TRP B 164 -12.66 -21.09 30.51
N VAL B 165 -12.72 -21.12 31.83
CA VAL B 165 -12.33 -19.95 32.59
C VAL B 165 -10.94 -20.04 33.19
N THR B 166 -10.48 -21.25 33.52
CA THR B 166 -9.19 -21.38 34.18
C THR B 166 -8.03 -21.35 33.20
N PHE B 167 -8.21 -21.92 32.02
CA PHE B 167 -7.16 -21.85 31.02
C PHE B 167 -6.74 -20.39 30.78
N PRO B 168 -7.70 -19.50 30.44
CA PRO B 168 -7.26 -18.11 30.30
C PRO B 168 -6.75 -17.52 31.60
N LEU B 169 -7.38 -17.82 32.71
CA LEU B 169 -6.97 -17.29 34.01
C LEU B 169 -5.52 -17.61 34.27
N VAL B 170 -5.16 -18.89 34.19
CA VAL B 170 -3.79 -19.31 34.45
C VAL B 170 -2.85 -18.56 33.53
N LEU B 171 -3.14 -18.54 32.23
CA LEU B 171 -2.25 -17.90 31.28
C LEU B 171 -2.08 -16.40 31.52
N ILE B 172 -3.15 -15.70 31.85
CA ILE B 172 -3.07 -14.26 32.08
C ILE B 172 -2.39 -13.98 33.42
N LEU B 173 -2.71 -14.77 34.42
CA LEU B 173 -2.05 -14.61 35.72
C LEU B 173 -0.57 -14.86 35.55
N PHE B 174 -0.22 -15.86 34.75
CA PHE B 174 1.20 -16.13 34.48
C PHE B 174 1.83 -14.96 33.77
N SER B 175 1.19 -14.43 32.73
CA SER B 175 1.72 -13.28 32.03
C SER B 175 2.03 -12.18 33.02
N ALA B 176 1.06 -11.82 33.84
CA ALA B 176 1.25 -10.76 34.83
C ALA B 176 2.39 -11.08 35.77
N LEU B 177 2.39 -12.27 36.36
CA LEU B 177 3.43 -12.65 37.30
C LEU B 177 4.80 -12.63 36.66
N PHE B 178 4.92 -13.24 35.49
CA PHE B 178 6.19 -13.26 34.80
C PHE B 178 6.71 -11.85 34.60
N CYS B 179 5.89 -11.00 34.01
CA CYS B 179 6.28 -9.61 33.81
C CYS B 179 6.72 -8.98 35.12
N HIS B 180 5.85 -8.99 36.12
CA HIS B 180 6.19 -8.41 37.41
C HIS B 180 7.56 -8.86 37.90
N LEU B 181 7.80 -10.17 37.88
CA LEU B 181 9.06 -10.70 38.38
C LEU B 181 10.23 -10.32 37.50
N ILE B 182 10.17 -10.66 36.22
CA ILE B 182 11.29 -10.39 35.32
C ILE B 182 11.48 -8.90 35.06
N SER B 183 10.58 -8.30 34.29
CA SER B 183 10.70 -6.88 33.99
C SER B 183 9.34 -6.21 34.06
N PRO B 184 9.12 -5.41 35.12
CA PRO B 184 7.81 -4.76 35.30
C PRO B 184 7.56 -3.62 34.32
N GLN B 185 8.50 -3.36 33.42
CA GLN B 185 8.30 -2.33 32.42
C GLN B 185 7.96 -2.98 31.09
N ALA B 186 7.78 -4.29 31.10
CA ALA B 186 7.40 -4.99 29.89
C ALA B 186 5.88 -5.17 29.82
N VAL B 187 5.14 -4.22 30.38
CA VAL B 187 3.69 -4.30 30.36
C VAL B 187 3.08 -3.16 29.57
N GLY B 188 1.87 -3.34 29.08
CA GLY B 188 1.17 -2.27 28.39
C GLY B 188 1.73 -1.73 27.10
N SER B 189 1.61 -2.49 26.01
CA SER B 189 2.05 -2.02 24.69
C SER B 189 3.51 -1.61 24.60
N GLY B 190 3.85 -0.87 23.56
CA GLY B 190 5.21 -0.42 23.40
C GLY B 190 5.18 0.85 22.60
N ILE B 191 4.21 0.98 21.71
CA ILE B 191 4.07 2.20 20.91
C ILE B 191 4.04 3.50 21.72
N PRO B 192 3.24 3.56 22.81
CA PRO B 192 3.30 4.82 23.56
C PRO B 192 4.70 5.17 24.03
N GLU B 193 5.39 4.20 24.61
CA GLU B 193 6.72 4.46 25.14
C GLU B 193 7.78 4.57 24.06
N MET B 194 7.55 3.96 22.90
CA MET B 194 8.48 4.10 21.79
C MET B 194 8.41 5.51 21.25
N LYS B 195 7.22 6.08 21.24
CA LYS B 195 7.05 7.47 20.80
C LYS B 195 7.91 8.33 21.70
N THR B 196 7.81 8.11 23.00
CA THR B 196 8.61 8.88 23.95
C THR B 196 10.10 8.71 23.70
N ILE B 197 10.56 7.46 23.57
CA ILE B 197 11.98 7.19 23.34
C ILE B 197 12.46 7.81 22.03
N LEU B 198 11.67 7.69 20.98
CA LEU B 198 12.05 8.26 19.69
C LEU B 198 12.12 9.78 19.74
N ARG B 199 11.42 10.39 20.69
CA ARG B 199 11.45 11.84 20.85
C ARG B 199 12.57 12.26 21.76
N GLY B 200 13.58 11.40 21.92
CA GLY B 200 14.73 11.75 22.73
C GLY B 200 14.70 11.21 24.15
N VAL B 201 13.52 11.19 24.77
CA VAL B 201 13.44 10.77 26.16
C VAL B 201 13.57 9.28 26.36
N VAL B 202 14.78 8.80 26.58
CA VAL B 202 14.99 7.39 26.83
C VAL B 202 14.36 7.01 28.17
N LEU B 203 13.81 5.80 28.25
CA LEU B 203 13.15 5.39 29.48
C LEU B 203 14.11 4.69 30.43
N LYS B 204 13.59 3.88 31.33
CA LYS B 204 14.44 3.21 32.31
C LYS B 204 15.10 1.98 31.72
N GLU B 205 14.60 0.81 32.08
CA GLU B 205 15.13 -0.43 31.53
C GLU B 205 14.18 -0.94 30.47
N TYR B 206 13.74 -0.05 29.58
CA TYR B 206 12.80 -0.44 28.56
C TYR B 206 13.41 -1.34 27.50
N LEU B 207 14.53 -0.92 26.91
CA LEU B 207 15.15 -1.70 25.85
C LEU B 207 16.20 -2.67 26.35
N THR B 208 15.86 -3.42 27.39
CA THR B 208 16.82 -4.37 27.96
C THR B 208 16.45 -5.80 27.62
N MET B 209 17.35 -6.74 27.92
CA MET B 209 17.12 -8.13 27.60
C MET B 209 16.09 -8.79 28.52
N LYS B 210 15.97 -8.33 29.76
CA LYS B 210 14.93 -8.88 30.64
C LYS B 210 13.58 -8.52 30.08
N ALA B 211 13.45 -7.31 29.57
CA ALA B 211 12.19 -6.87 29.03
C ALA B 211 11.82 -7.76 27.87
N PHE B 212 12.80 -8.13 27.06
CA PHE B 212 12.56 -9.03 25.94
C PHE B 212 11.94 -10.31 26.45
N VAL B 213 12.65 -11.01 27.32
CA VAL B 213 12.14 -12.26 27.86
C VAL B 213 10.75 -12.10 28.43
N ALA B 214 10.57 -11.14 29.33
CA ALA B 214 9.26 -10.90 29.92
C ALA B 214 8.20 -10.74 28.85
N LYS B 215 8.37 -9.77 27.97
CA LYS B 215 7.37 -9.51 26.96
C LYS B 215 7.09 -10.71 26.08
N VAL B 216 8.11 -11.36 25.54
CA VAL B 216 7.86 -12.46 24.61
C VAL B 216 7.07 -13.58 25.27
N VAL B 217 7.48 -14.01 26.45
CA VAL B 217 6.81 -15.13 27.11
C VAL B 217 5.42 -14.72 27.53
N ALA B 218 5.30 -13.56 28.14
CA ALA B 218 4.01 -13.11 28.62
C ALA B 218 3.03 -12.79 27.49
N LEU B 219 3.52 -12.32 26.35
CA LEU B 219 2.64 -12.06 25.22
C LEU B 219 2.18 -13.38 24.62
N THR B 220 3.07 -14.36 24.53
CA THR B 220 2.67 -15.68 24.02
C THR B 220 1.52 -16.20 24.87
N ALA B 221 1.65 -16.09 26.19
CA ALA B 221 0.62 -16.58 27.08
C ALA B 221 -0.67 -15.80 26.92
N GLY B 222 -0.57 -14.49 26.76
CA GLY B 222 -1.76 -13.67 26.57
C GLY B 222 -2.45 -13.92 25.24
N LEU B 223 -1.69 -14.32 24.24
CA LEU B 223 -2.27 -14.59 22.92
C LEU B 223 -2.82 -16.00 22.83
N GLY B 224 -2.44 -16.86 23.76
CA GLY B 224 -2.95 -18.21 23.77
C GLY B 224 -4.04 -18.40 24.79
N SER B 225 -4.54 -17.29 25.32
CA SER B 225 -5.59 -17.36 26.32
C SER B 225 -6.96 -17.15 25.70
N GLY B 226 -7.03 -16.33 24.65
CA GLY B 226 -8.30 -16.04 24.02
C GLY B 226 -8.86 -14.74 24.52
N ILE B 227 -8.24 -14.20 25.56
CA ILE B 227 -8.68 -12.92 26.12
C ILE B 227 -8.28 -11.87 25.10
N PRO B 228 -9.18 -10.90 24.79
CA PRO B 228 -8.79 -9.96 23.73
C PRO B 228 -7.65 -9.02 24.08
N VAL B 229 -6.41 -9.50 23.99
CA VAL B 229 -5.26 -8.64 24.23
C VAL B 229 -4.62 -8.43 22.87
N GLY B 230 -3.79 -7.42 22.73
CA GLY B 230 -3.22 -7.13 21.44
C GLY B 230 -1.88 -7.76 21.21
N LYS B 231 -1.32 -7.54 20.03
CA LYS B 231 -0.02 -8.11 19.70
C LYS B 231 0.84 -7.02 19.11
N GLU B 232 0.23 -6.14 18.31
CA GLU B 232 0.98 -5.07 17.65
C GLU B 232 1.85 -4.23 18.57
N GLY B 233 1.27 -3.73 19.65
CA GLY B 233 2.02 -2.90 20.56
C GLY B 233 3.24 -3.57 21.17
N PRO B 234 3.01 -4.68 21.89
CA PRO B 234 4.15 -5.40 22.45
C PRO B 234 5.19 -5.77 21.40
N PHE B 235 4.75 -6.13 20.21
CA PHE B 235 5.66 -6.51 19.13
C PHE B 235 6.59 -5.39 18.73
N VAL B 236 6.07 -4.16 18.67
CA VAL B 236 6.92 -3.01 18.36
C VAL B 236 8.00 -2.89 19.42
N HIS B 237 7.64 -3.08 20.69
CA HIS B 237 8.63 -3.03 21.76
C HIS B 237 9.61 -4.20 21.63
N ILE B 238 9.10 -5.41 21.44
CA ILE B 238 9.96 -6.58 21.27
C ILE B 238 10.94 -6.34 20.14
N ALA B 239 10.47 -5.77 19.04
CA ALA B 239 11.34 -5.52 17.91
C ALA B 239 12.34 -4.43 18.15
N SER B 240 11.96 -3.42 18.92
CA SER B 240 12.88 -2.33 19.24
C SER B 240 13.95 -2.83 20.21
N ILE B 241 13.59 -3.75 21.09
CA ILE B 241 14.58 -4.33 21.98
C ILE B 241 15.55 -5.09 21.11
N CYS B 242 15.02 -5.90 20.20
CA CYS B 242 15.88 -6.69 19.32
C CYS B 242 16.74 -5.80 18.45
N ALA B 243 16.20 -4.66 18.01
CA ALA B 243 16.98 -3.73 17.20
C ALA B 243 18.14 -3.19 18.01
N ALA B 244 17.86 -2.74 19.22
CA ALA B 244 18.92 -2.25 20.09
C ALA B 244 19.96 -3.32 20.37
N VAL B 245 19.49 -4.53 20.66
CA VAL B 245 20.41 -5.63 20.95
C VAL B 245 21.25 -5.93 19.72
N LEU B 246 20.63 -6.03 18.55
CA LEU B 246 21.36 -6.33 17.33
C LEU B 246 22.36 -5.24 17.04
N SER B 247 22.00 -3.99 17.30
CA SER B 247 22.90 -2.88 17.08
C SER B 247 24.14 -3.02 17.95
N LYS B 248 23.95 -3.39 19.21
CA LYS B 248 25.08 -3.59 20.10
C LYS B 248 25.90 -4.79 19.64
N PHE B 249 25.23 -5.90 19.35
CA PHE B 249 25.92 -7.10 18.90
C PHE B 249 26.76 -6.81 17.66
N MET B 250 26.25 -5.98 16.76
CA MET B 250 26.95 -5.72 15.52
C MET B 250 27.98 -4.61 15.67
N SER B 251 27.52 -3.41 15.95
CA SER B 251 28.43 -2.27 16.04
C SER B 251 29.44 -2.36 17.16
N VAL B 252 28.98 -2.41 18.40
CA VAL B 252 29.91 -2.41 19.53
C VAL B 252 30.69 -3.72 19.67
N PHE B 253 30.21 -4.80 19.08
CA PHE B 253 30.94 -6.06 19.13
C PHE B 253 31.35 -6.49 17.72
N TYR B 262 21.43 7.11 13.51
CA TYR B 262 21.62 7.18 14.96
C TYR B 262 20.74 6.17 15.67
N TYR B 263 20.59 6.33 16.98
CA TYR B 263 19.77 5.40 17.75
C TYR B 263 18.33 5.43 17.28
N SER B 264 17.84 6.60 16.92
CA SER B 264 16.46 6.73 16.46
C SER B 264 16.24 5.96 15.17
N ASP B 265 17.25 5.95 14.31
CA ASP B 265 17.14 5.21 13.06
C ASP B 265 17.02 3.73 13.33
N ILE B 266 17.88 3.22 14.21
CA ILE B 266 17.82 1.81 14.57
C ILE B 266 16.45 1.46 15.13
N LEU B 267 15.98 2.24 16.10
CA LEU B 267 14.71 1.92 16.76
C LEU B 267 13.54 2.04 15.82
N THR B 268 13.61 2.96 14.88
CA THR B 268 12.53 3.16 13.95
C THR B 268 12.36 1.93 13.06
N VAL B 269 13.46 1.35 12.62
CA VAL B 269 13.39 0.15 11.80
C VAL B 269 12.80 -0.96 12.65
N GLY B 270 13.20 -1.04 13.91
CA GLY B 270 12.63 -2.02 14.81
C GLY B 270 11.12 -1.90 14.81
N CYS B 271 10.63 -0.70 15.06
CA CYS B 271 9.19 -0.47 15.06
C CYS B 271 8.55 -1.01 13.78
N ALA B 272 9.12 -0.69 12.62
CA ALA B 272 8.58 -1.13 11.34
C ALA B 272 8.49 -2.64 11.19
N VAL B 273 9.57 -3.35 11.52
CA VAL B 273 9.59 -4.80 11.40
C VAL B 273 8.75 -5.46 12.47
N GLY B 274 8.46 -4.74 13.54
CA GLY B 274 7.62 -5.28 14.59
C GLY B 274 6.21 -5.43 14.08
N VAL B 275 5.66 -4.36 13.52
CA VAL B 275 4.29 -4.42 13.03
C VAL B 275 4.22 -5.18 11.72
N GLY B 276 5.33 -5.21 10.99
CA GLY B 276 5.37 -5.97 9.74
C GLY B 276 5.26 -7.45 10.02
N CYS B 277 5.90 -7.92 11.08
CA CYS B 277 5.85 -9.33 11.43
C CYS B 277 4.63 -9.64 12.29
N CYS B 278 3.97 -8.61 12.79
CA CYS B 278 2.76 -8.82 13.58
C CYS B 278 1.58 -9.06 12.66
N PHE B 279 1.36 -8.15 11.71
CA PHE B 279 0.23 -8.27 10.81
C PHE B 279 0.55 -9.18 9.64
N GLY B 280 1.80 -9.61 9.52
CA GLY B 280 2.18 -10.40 8.36
C GLY B 280 1.97 -9.53 7.15
N THR B 281 2.21 -8.24 7.30
CA THR B 281 1.99 -7.30 6.22
C THR B 281 3.20 -6.40 6.16
N PRO B 282 4.09 -6.63 5.19
CA PRO B 282 5.31 -5.84 5.10
C PRO B 282 5.06 -4.35 4.89
N LEU B 283 4.54 -3.97 3.73
CA LEU B 283 4.34 -2.55 3.42
C LEU B 283 3.45 -1.85 4.43
N GLY B 284 2.27 -2.40 4.67
CA GLY B 284 1.35 -1.79 5.61
C GLY B 284 1.97 -1.59 6.97
N GLY B 285 2.71 -2.58 7.46
CA GLY B 285 3.36 -2.47 8.75
C GLY B 285 4.33 -1.30 8.83
N VAL B 286 5.22 -1.19 7.85
CA VAL B 286 6.17 -0.08 7.83
C VAL B 286 5.43 1.24 7.90
N LEU B 287 4.43 1.41 7.05
CA LEU B 287 3.67 2.66 7.04
C LEU B 287 2.97 2.90 8.35
N PHE B 288 2.40 1.86 8.94
CA PHE B 288 1.74 1.98 10.24
C PHE B 288 2.71 2.52 11.26
N SER B 289 3.86 1.88 11.40
CA SER B 289 4.86 2.32 12.38
C SER B 289 5.23 3.77 12.19
N ILE B 290 5.50 4.18 10.96
CA ILE B 290 5.85 5.56 10.69
C ILE B 290 4.80 6.49 11.28
N GLU B 291 3.53 6.18 11.07
CA GLU B 291 2.46 7.03 11.57
C GLU B 291 2.28 7.01 13.08
N VAL B 292 2.43 5.86 13.71
CA VAL B 292 2.19 5.78 15.15
C VAL B 292 3.39 6.08 16.03
N THR B 293 4.59 6.09 15.47
CA THR B 293 5.78 6.28 16.30
C THR B 293 6.59 7.51 15.95
N SER B 294 6.14 8.29 14.97
CA SER B 294 6.92 9.44 14.54
C SER B 294 6.06 10.63 14.14
N THR B 295 6.59 11.83 14.33
CA THR B 295 5.89 13.03 13.91
C THR B 295 6.54 13.53 12.63
N TYR B 296 7.84 13.26 12.48
CA TYR B 296 8.57 13.68 11.30
C TYR B 296 9.52 12.56 10.94
N PHE B 297 9.18 11.80 9.91
CA PHE B 297 9.98 10.65 9.56
C PHE B 297 11.00 10.96 8.48
N ALA B 298 12.05 10.15 8.38
CA ALA B 298 13.02 10.34 7.31
C ALA B 298 12.85 9.25 6.28
N VAL B 299 12.93 9.60 5.00
CA VAL B 299 12.72 8.62 3.95
C VAL B 299 13.74 7.49 3.97
N ARG B 300 14.94 7.77 4.46
CA ARG B 300 15.94 6.71 4.58
C ARG B 300 15.42 5.61 5.50
N ASN B 301 14.86 5.99 6.64
CA ASN B 301 14.33 5.01 7.57
C ASN B 301 13.16 4.24 6.98
N TYR B 302 12.41 4.87 6.09
CA TYR B 302 11.30 4.19 5.43
C TYR B 302 11.85 3.06 4.58
N TRP B 303 12.85 3.35 3.76
CA TRP B 303 13.44 2.33 2.90
C TRP B 303 14.08 1.23 3.74
N ARG B 304 14.77 1.61 4.80
CA ARG B 304 15.44 0.63 5.64
C ARG B 304 14.42 -0.29 6.30
N GLY B 305 13.35 0.29 6.83
CA GLY B 305 12.31 -0.49 7.46
C GLY B 305 11.66 -1.43 6.48
N PHE B 306 11.44 -0.96 5.27
CA PHE B 306 10.82 -1.79 4.24
C PHE B 306 11.71 -2.97 3.88
N PHE B 307 13.01 -2.75 3.74
CA PHE B 307 13.93 -3.83 3.41
C PHE B 307 13.92 -4.89 4.50
N ALA B 308 13.99 -4.45 5.75
CA ALA B 308 14.01 -5.39 6.85
C ALA B 308 12.70 -6.14 6.96
N ALA B 309 11.59 -5.47 6.67
CA ALA B 309 10.29 -6.12 6.76
C ALA B 309 10.05 -7.09 5.61
N THR B 310 10.65 -6.84 4.46
CA THR B 310 10.51 -7.78 3.36
C THR B 310 11.33 -9.02 3.63
N PHE B 311 12.42 -8.86 4.36
CA PHE B 311 13.20 -10.04 4.73
C PHE B 311 12.43 -10.83 5.78
N SER B 312 11.73 -10.14 6.66
CA SER B 312 10.91 -10.82 7.65
C SER B 312 9.86 -11.65 6.93
N ALA B 313 9.24 -11.07 5.92
CA ALA B 313 8.23 -11.78 5.15
C ALA B 313 8.84 -12.95 4.39
N PHE B 314 10.05 -12.77 3.88
CA PHE B 314 10.73 -13.85 3.18
C PHE B 314 10.92 -15.03 4.12
N VAL B 315 11.42 -14.76 5.32
CA VAL B 315 11.64 -15.82 6.29
C VAL B 315 10.32 -16.48 6.64
N PHE B 316 9.26 -15.69 6.77
CA PHE B 316 7.95 -16.25 7.06
C PHE B 316 7.49 -17.21 5.97
N ARG B 317 7.75 -16.88 4.72
CA ARG B 317 7.36 -17.74 3.61
C ARG B 317 8.14 -19.05 3.66
N VAL B 318 9.43 -18.97 3.95
CA VAL B 318 10.25 -20.16 4.06
C VAL B 318 9.78 -21.01 5.23
N LEU B 319 9.46 -20.37 6.35
CA LEU B 319 8.98 -21.10 7.52
C LEU B 319 7.65 -21.77 7.22
N ALA B 320 6.84 -21.12 6.40
CA ALA B 320 5.56 -21.70 6.02
C ALA B 320 5.79 -22.98 5.25
N VAL B 321 6.65 -22.92 4.25
CA VAL B 321 6.98 -24.11 3.46
C VAL B 321 7.47 -25.21 4.39
N TRP B 322 8.37 -24.86 5.29
CA TRP B 322 8.93 -25.85 6.21
C TRP B 322 7.92 -26.52 7.11
N ASN B 323 7.15 -25.73 7.85
CA ASN B 323 6.25 -26.32 8.85
C ASN B 323 4.77 -26.37 8.49
N LYS B 324 4.42 -26.02 7.25
CA LYS B 324 3.04 -26.06 6.78
C LYS B 324 2.00 -25.54 7.75
N ASP B 325 1.26 -26.43 8.40
CA ASP B 325 0.23 -26.03 9.36
C ASP B 325 0.74 -25.09 10.42
N ALA B 326 1.53 -25.59 11.37
CA ALA B 326 2.12 -24.76 12.42
C ALA B 326 1.25 -23.61 12.87
N VAL B 327 1.68 -22.38 12.60
CA VAL B 327 0.85 -21.23 12.90
C VAL B 327 0.51 -20.60 11.55
N THR B 328 -0.77 -20.35 11.31
CA THR B 328 -1.14 -19.68 10.08
C THR B 328 -0.99 -18.19 10.35
N ILE B 329 0.23 -17.68 10.19
CA ILE B 329 0.50 -16.27 10.47
C ILE B 329 -0.38 -15.39 9.62
N THR B 330 -1.46 -14.86 10.19
CA THR B 330 -2.40 -14.00 9.47
C THR B 330 -2.76 -14.46 8.06
N ALA B 331 -2.90 -15.76 7.86
CA ALA B 331 -3.21 -16.29 6.54
C ALA B 331 -4.68 -16.66 6.51
N LEU B 332 -5.33 -16.63 7.66
CA LEU B 332 -6.76 -16.92 7.73
C LEU B 332 -7.53 -15.68 7.37
N PHE B 333 -6.85 -14.54 7.32
CA PHE B 333 -7.54 -13.30 7.05
C PHE B 333 -7.52 -13.04 5.57
N ARG B 334 -6.90 -13.93 4.81
CA ARG B 334 -6.89 -13.80 3.36
C ARG B 334 -8.27 -14.13 2.87
N THR B 335 -8.95 -13.14 2.30
CA THR B 335 -10.33 -13.34 1.87
C THR B 335 -10.47 -13.80 0.44
N ASN B 336 -11.67 -14.27 0.09
CA ASN B 336 -11.93 -14.75 -1.27
C ASN B 336 -13.10 -14.00 -1.85
N PHE B 337 -13.00 -12.68 -1.91
CA PHE B 337 -14.11 -11.87 -2.41
C PHE B 337 -14.02 -11.69 -3.91
N ARG B 338 -15.03 -12.16 -4.62
CA ARG B 338 -15.06 -11.98 -6.06
C ARG B 338 -15.84 -10.72 -6.36
N MET B 339 -15.18 -9.57 -6.27
CA MET B 339 -15.88 -8.31 -6.45
C MET B 339 -15.65 -7.72 -7.85
N ASP B 340 -16.63 -6.98 -8.35
CA ASP B 340 -16.49 -6.35 -9.66
C ASP B 340 -15.67 -5.08 -9.54
N PHE B 341 -14.69 -4.91 -10.42
CA PHE B 341 -13.79 -3.76 -10.34
C PHE B 341 -14.42 -2.36 -10.19
N PRO B 342 -15.36 -1.97 -11.06
CA PRO B 342 -15.86 -0.59 -10.94
C PRO B 342 -16.36 -0.20 -9.54
N PHE B 343 -16.95 -1.13 -8.80
CA PHE B 343 -17.47 -0.86 -7.43
C PHE B 343 -18.73 0.00 -7.37
N ASP B 344 -19.70 -0.45 -6.58
CA ASP B 344 -20.96 0.27 -6.47
C ASP B 344 -20.83 1.56 -5.69
N LEU B 345 -20.96 2.70 -6.35
CA LEU B 345 -20.92 3.96 -5.65
C LEU B 345 -22.23 4.22 -4.94
N LYS B 346 -23.22 3.37 -5.16
CA LYS B 346 -24.49 3.53 -4.47
C LYS B 346 -24.36 2.95 -3.07
N GLU B 347 -23.40 2.06 -2.86
CA GLU B 347 -23.17 1.52 -1.52
C GLU B 347 -22.00 2.22 -0.85
N LEU B 348 -21.42 3.20 -1.52
CA LEU B 348 -20.35 3.99 -0.89
C LEU B 348 -20.87 4.78 0.32
N PRO B 349 -22.09 5.33 0.25
CA PRO B 349 -22.59 5.98 1.48
C PRO B 349 -22.55 5.05 2.70
N ALA B 350 -22.79 3.76 2.52
CA ALA B 350 -22.74 2.81 3.62
C ALA B 350 -21.34 2.67 4.16
N PHE B 351 -20.36 2.58 3.27
CA PHE B 351 -18.97 2.49 3.70
C PHE B 351 -18.55 3.75 4.43
N ALA B 352 -19.04 4.90 3.98
CA ALA B 352 -18.72 6.16 4.64
C ALA B 352 -19.38 6.21 6.01
N ALA B 353 -20.60 5.69 6.11
CA ALA B 353 -21.28 5.65 7.39
C ALA B 353 -20.52 4.75 8.34
N ILE B 354 -20.01 3.63 7.85
CA ILE B 354 -19.20 2.76 8.68
C ILE B 354 -18.07 3.60 9.23
N GLY B 355 -17.35 4.30 8.37
CA GLY B 355 -16.26 5.16 8.81
C GLY B 355 -16.65 6.15 9.88
N ILE B 356 -17.70 6.93 9.65
CA ILE B 356 -18.12 7.92 10.61
C ILE B 356 -18.41 7.28 11.96
N CYS B 357 -19.21 6.23 11.95
CA CYS B 357 -19.58 5.56 13.19
C CYS B 357 -18.39 4.89 13.85
N CYS B 358 -17.47 4.37 13.05
CA CYS B 358 -16.27 3.75 13.59
C CYS B 358 -15.38 4.79 14.22
N GLY B 359 -15.42 6.02 13.72
CA GLY B 359 -14.65 7.09 14.30
C GLY B 359 -15.23 7.46 15.64
N LEU B 360 -16.55 7.49 15.72
CA LEU B 360 -17.21 7.79 16.99
C LEU B 360 -16.92 6.69 17.99
N LEU B 361 -17.00 5.44 17.55
CA LEU B 361 -16.77 4.31 18.44
C LEU B 361 -15.31 4.19 18.81
N GLY B 362 -14.41 4.63 17.93
CA GLY B 362 -13.00 4.60 18.23
C GLY B 362 -12.71 5.60 19.32
N ALA B 363 -13.36 6.75 19.27
CA ALA B 363 -13.18 7.74 20.31
C ALA B 363 -13.74 7.23 21.62
N VAL B 364 -14.88 6.56 21.58
CA VAL B 364 -15.46 6.00 22.79
C VAL B 364 -14.51 4.96 23.37
N PHE B 365 -13.92 4.12 22.53
CA PHE B 365 -12.96 3.14 23.01
C PHE B 365 -11.84 3.84 23.74
N VAL B 366 -11.19 4.79 23.08
CA VAL B 366 -10.07 5.49 23.70
C VAL B 366 -10.50 6.15 25.00
N TYR B 367 -11.61 6.87 24.96
CA TYR B 367 -12.10 7.53 26.16
C TYR B 367 -12.33 6.55 27.29
N LEU B 368 -13.10 5.51 27.05
CA LEU B 368 -13.42 4.54 28.10
C LEU B 368 -12.19 3.81 28.60
N HIS B 369 -11.27 3.49 27.71
CA HIS B 369 -10.04 2.82 28.12
C HIS B 369 -9.23 3.74 29.01
N ARG B 370 -9.11 5.01 28.63
CA ARG B 370 -8.38 5.96 29.44
C ARG B 370 -9.06 6.14 30.78
N GLN B 371 -10.39 6.17 30.77
CA GLN B 371 -11.14 6.35 32.01
C GLN B 371 -10.94 5.20 32.96
N VAL B 372 -10.92 3.97 32.43
CA VAL B 372 -10.70 2.80 33.27
C VAL B 372 -9.25 2.77 33.70
N MET B 373 -8.35 3.17 32.81
CA MET B 373 -6.93 3.10 33.12
C MET B 373 -6.63 4.07 34.23
N LEU B 374 -7.20 5.27 34.16
CA LEU B 374 -7.00 6.25 35.20
C LEU B 374 -7.71 5.78 36.45
N GLY B 375 -8.98 5.44 36.32
CA GLY B 375 -9.76 4.98 37.46
C GLY B 375 -9.09 4.00 38.39
N VAL B 376 -8.49 2.94 37.84
CA VAL B 376 -7.91 1.92 38.70
C VAL B 376 -6.74 2.42 39.55
N ARG B 377 -6.07 3.47 39.11
CA ARG B 377 -4.99 4.04 39.91
C ARG B 377 -5.39 5.33 40.63
N LYS B 378 -6.19 6.16 39.98
CA LYS B 378 -6.58 7.43 40.58
C LYS B 378 -7.44 7.24 41.82
N HIS B 379 -8.21 6.15 41.86
CA HIS B 379 -8.98 5.86 43.06
C HIS B 379 -8.01 5.30 44.07
N LYS B 380 -7.76 6.04 45.15
CA LYS B 380 -6.78 5.60 46.13
C LYS B 380 -7.04 4.19 46.66
N ALA B 381 -8.24 3.94 47.14
CA ALA B 381 -8.57 2.62 47.67
C ALA B 381 -8.28 1.54 46.64
N LEU B 382 -8.74 1.72 45.41
CA LEU B 382 -8.51 0.74 44.36
C LEU B 382 -7.03 0.45 44.19
N SER B 383 -6.23 1.49 43.95
CA SER B 383 -4.81 1.29 43.72
C SER B 383 -4.14 0.58 44.89
N GLN B 384 -4.44 1.01 46.11
CA GLN B 384 -3.86 0.38 47.29
C GLN B 384 -4.19 -1.11 47.34
N PHE B 385 -5.46 -1.44 47.19
CA PHE B 385 -5.89 -2.83 47.22
C PHE B 385 -5.21 -3.62 46.12
N LEU B 386 -5.17 -3.06 44.92
CA LEU B 386 -4.57 -3.78 43.78
C LEU B 386 -3.06 -3.86 43.86
N ALA B 387 -2.44 -3.03 44.69
CA ALA B 387 -0.99 -3.10 44.85
C ALA B 387 -0.67 -4.22 45.82
N LYS B 388 -1.52 -4.40 46.83
CA LYS B 388 -1.33 -5.50 47.77
C LYS B 388 -1.61 -6.81 47.06
N HIS B 389 -2.63 -6.82 46.22
CA HIS B 389 -2.95 -8.02 45.46
C HIS B 389 -2.80 -7.74 43.98
N ARG B 390 -1.59 -7.89 43.47
CA ARG B 390 -1.34 -7.57 42.07
C ARG B 390 -2.08 -8.46 41.09
N LEU B 391 -2.38 -9.70 41.49
CA LEU B 391 -3.04 -10.63 40.58
C LEU B 391 -4.55 -10.62 40.77
N LEU B 392 -5.07 -9.61 41.46
CA LEU B 392 -6.50 -9.50 41.65
C LEU B 392 -7.15 -8.91 40.41
N TYR B 393 -6.68 -7.75 39.97
CA TYR B 393 -7.23 -7.13 38.77
C TYR B 393 -7.17 -8.04 37.54
N PRO B 394 -5.99 -8.57 37.17
CA PRO B 394 -6.03 -9.47 36.02
C PRO B 394 -6.95 -10.64 36.27
N GLY B 395 -6.92 -11.21 37.46
CA GLY B 395 -7.79 -12.32 37.80
C GLY B 395 -9.25 -12.04 37.55
N ILE B 396 -9.80 -11.02 38.18
CA ILE B 396 -11.23 -10.74 38.04
C ILE B 396 -11.62 -10.37 36.61
N VAL B 397 -10.80 -9.57 35.94
CA VAL B 397 -11.10 -9.19 34.58
C VAL B 397 -11.15 -10.44 33.70
N THR B 398 -10.11 -11.26 33.76
CA THR B 398 -10.07 -12.48 32.96
C THR B 398 -11.27 -13.35 33.27
N PHE B 399 -11.57 -13.52 34.55
CA PHE B 399 -12.68 -14.37 34.94
C PHE B 399 -13.98 -13.90 34.32
N VAL B 400 -14.31 -12.63 34.48
CA VAL B 400 -15.59 -12.14 33.96
C VAL B 400 -15.65 -12.18 32.43
N ILE B 401 -14.54 -11.90 31.77
CA ILE B 401 -14.51 -11.97 30.31
C ILE B 401 -14.77 -13.39 29.88
N ALA B 402 -14.09 -14.35 30.50
CA ALA B 402 -14.25 -15.75 30.12
C ALA B 402 -15.60 -16.31 30.53
N SER B 403 -16.19 -15.77 31.59
CA SER B 403 -17.48 -16.25 32.05
C SER B 403 -18.59 -15.74 31.17
N PHE B 404 -18.34 -14.65 30.46
CA PHE B 404 -19.34 -14.10 29.55
C PHE B 404 -19.15 -14.65 28.15
N THR B 405 -17.97 -15.18 27.86
CA THR B 405 -17.74 -15.78 26.56
C THR B 405 -18.00 -17.27 26.61
N PHE B 406 -18.36 -17.79 27.78
CA PHE B 406 -18.65 -19.21 27.95
C PHE B 406 -19.66 -19.63 26.90
N PRO B 407 -19.26 -20.51 25.98
CA PRO B 407 -20.18 -20.86 24.89
C PRO B 407 -21.58 -21.37 25.28
N PRO B 408 -21.72 -22.25 26.28
CA PRO B 408 -23.10 -22.63 26.64
C PRO B 408 -23.76 -21.68 27.62
N GLY B 409 -23.31 -20.44 27.70
CA GLY B 409 -23.88 -19.49 28.62
C GLY B 409 -24.31 -18.24 27.91
N MET B 410 -23.40 -17.28 27.77
CA MET B 410 -23.73 -16.06 27.06
C MET B 410 -22.97 -16.05 25.76
N GLY B 411 -22.01 -16.93 25.62
CA GLY B 411 -21.22 -17.00 24.40
C GLY B 411 -21.99 -17.54 23.23
N GLN B 412 -23.19 -18.05 23.46
CA GLN B 412 -24.01 -18.54 22.38
C GLN B 412 -24.66 -17.36 21.68
N PHE B 413 -24.76 -16.24 22.38
CA PHE B 413 -25.38 -15.05 21.81
C PHE B 413 -24.35 -14.03 21.38
N MET B 414 -23.09 -14.39 21.47
CA MET B 414 -22.03 -13.46 21.10
C MET B 414 -20.85 -14.16 20.45
N ALA B 415 -21.05 -15.39 19.99
CA ALA B 415 -19.95 -16.17 19.40
C ALA B 415 -18.71 -16.13 20.28
N GLY B 416 -18.85 -16.53 21.54
CA GLY B 416 -17.72 -16.53 22.45
C GLY B 416 -16.80 -17.69 22.21
N GLU B 417 -17.31 -18.75 21.58
CA GLU B 417 -16.48 -19.89 21.25
C GLU B 417 -15.34 -19.48 20.35
N LEU B 418 -15.59 -18.51 19.47
CA LEU B 418 -14.58 -18.07 18.54
C LEU B 418 -13.48 -17.29 19.23
N MET B 419 -12.24 -17.59 18.88
CA MET B 419 -11.11 -16.89 19.48
C MET B 419 -10.77 -15.73 18.55
N PRO B 420 -10.05 -14.71 19.04
CA PRO B 420 -9.75 -13.53 18.22
C PRO B 420 -9.54 -13.79 16.74
N ARG B 421 -8.59 -14.64 16.37
CA ARG B 421 -8.30 -14.89 14.97
C ARG B 421 -9.44 -15.55 14.22
N GLU B 422 -10.11 -16.51 14.87
CA GLU B 422 -11.23 -17.19 14.24
C GLU B 422 -12.35 -16.20 13.99
N ALA B 423 -12.55 -15.26 14.89
CA ALA B 423 -13.56 -14.24 14.69
C ALA B 423 -13.30 -13.47 13.40
N ILE B 424 -12.11 -12.94 13.24
CA ILE B 424 -11.76 -12.21 12.02
C ILE B 424 -11.89 -13.07 10.78
N SER B 425 -11.51 -14.34 10.87
CA SER B 425 -11.58 -15.22 9.72
C SER B 425 -13.01 -15.48 9.28
N THR B 426 -13.93 -15.52 10.24
CA THR B 426 -15.32 -15.77 9.90
C THR B 426 -16.04 -14.48 9.55
N LEU B 427 -15.67 -13.38 10.20
CA LEU B 427 -16.28 -12.10 9.89
C LEU B 427 -15.86 -11.65 8.51
N PHE B 428 -14.75 -12.18 8.00
CA PHE B 428 -14.28 -11.82 6.67
C PHE B 428 -14.68 -12.92 5.69
N ASP B 429 -15.82 -13.57 5.94
CA ASP B 429 -16.27 -14.66 5.07
C ASP B 429 -16.91 -14.15 3.79
N ASN B 430 -17.01 -15.01 2.80
CA ASN B 430 -17.60 -14.61 1.52
C ASN B 430 -19.06 -15.00 1.47
N ASN B 431 -19.67 -15.21 2.64
CA ASN B 431 -21.07 -15.62 2.70
C ASN B 431 -21.96 -14.50 3.18
N THR B 432 -23.25 -14.75 3.25
CA THR B 432 -24.19 -13.76 3.77
C THR B 432 -24.98 -14.46 4.83
N TRP B 433 -24.59 -14.29 6.09
CA TRP B 433 -25.24 -15.01 7.17
C TRP B 433 -26.73 -14.79 7.25
N VAL B 434 -27.20 -13.62 6.83
CA VAL B 434 -28.61 -13.31 6.91
C VAL B 434 -29.44 -14.15 5.95
N LYS B 435 -28.82 -14.66 4.88
CA LYS B 435 -29.53 -15.49 3.92
C LYS B 435 -29.42 -16.97 4.28
N HIS B 436 -28.28 -17.36 4.81
CA HIS B 436 -28.07 -18.75 5.19
C HIS B 436 -28.29 -18.94 6.68
N ALA B 437 -29.36 -18.36 7.20
CA ALA B 437 -29.68 -18.50 8.61
C ALA B 437 -30.58 -19.70 8.78
N GLY B 438 -31.47 -19.92 7.82
CA GLY B 438 -32.34 -21.08 7.86
C GLY B 438 -31.52 -22.31 7.57
N ASP B 439 -30.40 -22.14 6.88
CA ASP B 439 -29.51 -23.26 6.62
C ASP B 439 -28.13 -23.00 7.20
N PRO B 440 -27.93 -23.38 8.47
CA PRO B 440 -26.58 -23.24 9.04
C PRO B 440 -25.76 -24.47 8.69
N GLU B 441 -24.71 -24.75 9.45
CA GLU B 441 -23.85 -25.90 9.18
C GLU B 441 -23.52 -26.01 7.70
N SER B 442 -23.27 -24.88 7.06
CA SER B 442 -22.95 -24.86 5.64
C SER B 442 -22.02 -23.69 5.43
N LEU B 443 -21.92 -22.85 6.46
CA LEU B 443 -21.06 -21.68 6.38
C LEU B 443 -19.70 -22.02 6.94
N GLY B 444 -19.56 -23.23 7.48
CA GLY B 444 -18.29 -23.65 8.02
C GLY B 444 -18.09 -23.22 9.45
N GLN B 445 -17.01 -22.50 9.71
CA GLN B 445 -16.76 -22.01 11.06
C GLN B 445 -17.60 -20.79 11.34
N SER B 446 -18.28 -20.28 10.32
CA SER B 446 -19.11 -19.10 10.48
C SER B 446 -20.53 -19.48 10.86
N ALA B 447 -20.73 -20.74 11.22
CA ALA B 447 -22.06 -21.20 11.62
C ALA B 447 -22.29 -20.98 13.10
N VAL B 448 -21.26 -20.52 13.81
CA VAL B 448 -21.40 -20.24 15.24
C VAL B 448 -22.09 -18.90 15.41
N TRP B 449 -22.16 -18.12 14.34
CA TRP B 449 -22.81 -16.82 14.41
C TRP B 449 -24.30 -16.99 14.24
N ILE B 450 -24.70 -18.06 13.56
CA ILE B 450 -26.12 -18.32 13.38
C ILE B 450 -26.63 -19.04 14.62
N HIS B 451 -27.42 -18.33 15.43
CA HIS B 451 -27.98 -18.94 16.63
C HIS B 451 -29.36 -19.46 16.28
N PRO B 452 -29.72 -20.65 16.77
CA PRO B 452 -31.04 -21.22 16.52
C PRO B 452 -32.17 -20.20 16.59
N ARG B 453 -32.21 -19.41 17.67
CA ARG B 453 -33.28 -18.43 17.84
C ARG B 453 -32.83 -17.03 17.48
N VAL B 454 -31.90 -16.47 18.26
CA VAL B 454 -31.44 -15.10 18.02
C VAL B 454 -30.92 -14.87 16.60
N ASN B 455 -31.45 -13.85 15.93
CA ASN B 455 -31.03 -13.54 14.57
C ASN B 455 -29.56 -13.16 14.49
N VAL B 456 -28.87 -13.60 13.45
CA VAL B 456 -27.44 -13.28 13.29
C VAL B 456 -27.09 -11.84 13.59
N VAL B 457 -27.84 -10.90 13.03
CA VAL B 457 -27.55 -9.48 13.24
C VAL B 457 -27.44 -9.15 14.71
N ILE B 458 -28.38 -9.65 15.52
CA ILE B 458 -28.35 -9.37 16.95
C ILE B 458 -27.17 -10.02 17.66
N ILE B 459 -26.75 -11.20 17.21
CA ILE B 459 -25.56 -11.82 17.81
C ILE B 459 -24.27 -11.09 17.42
N ILE B 460 -24.22 -10.51 16.23
CA ILE B 460 -23.05 -9.72 15.85
C ILE B 460 -23.06 -8.45 16.68
N PHE B 461 -24.25 -7.92 16.94
CA PHE B 461 -24.37 -6.72 17.75
C PHE B 461 -23.89 -7.03 19.16
N LEU B 462 -24.34 -8.15 19.71
CA LEU B 462 -23.96 -8.51 21.07
C LEU B 462 -22.48 -8.81 21.13
N PHE B 463 -21.93 -9.40 20.08
CA PHE B 463 -20.49 -9.65 20.04
C PHE B 463 -19.79 -8.31 20.17
N PHE B 464 -20.15 -7.36 19.32
CA PHE B 464 -19.53 -6.05 19.35
C PHE B 464 -19.65 -5.39 20.72
N VAL B 465 -20.84 -5.38 21.29
CA VAL B 465 -21.05 -4.73 22.59
C VAL B 465 -20.24 -5.42 23.67
N MET B 466 -20.35 -6.73 23.74
CA MET B 466 -19.63 -7.48 24.76
C MET B 466 -18.14 -7.34 24.59
N LYS B 467 -17.65 -7.50 23.38
CA LYS B 467 -16.21 -7.41 23.14
C LYS B 467 -15.69 -5.99 23.21
N PHE B 468 -16.57 -5.01 23.24
CA PHE B 468 -16.13 -3.62 23.38
C PHE B 468 -15.60 -3.44 24.78
N TRP B 469 -16.43 -3.72 25.77
CA TRP B 469 -15.98 -3.60 27.16
C TRP B 469 -14.87 -4.60 27.47
N MET B 470 -14.98 -5.80 26.94
CA MET B 470 -13.96 -6.81 27.16
C MET B 470 -12.61 -6.31 26.71
N SER B 471 -12.54 -5.78 25.49
CA SER B 471 -11.28 -5.28 24.96
C SER B 471 -10.75 -4.09 25.76
N ILE B 472 -11.65 -3.21 26.19
CA ILE B 472 -11.23 -2.05 26.96
C ILE B 472 -10.59 -2.48 28.27
N VAL B 473 -11.20 -3.41 28.98
CA VAL B 473 -10.67 -3.82 30.29
C VAL B 473 -9.52 -4.82 30.19
N ALA B 474 -9.35 -5.46 29.04
CA ALA B 474 -8.25 -6.40 28.86
C ALA B 474 -6.97 -5.64 28.54
N THR B 475 -7.11 -4.48 27.91
CA THR B 475 -5.95 -3.65 27.59
C THR B 475 -5.56 -2.82 28.80
N THR B 476 -6.26 -2.98 29.91
CA THR B 476 -5.94 -2.27 31.13
C THR B 476 -5.20 -3.20 32.08
N MET B 477 -5.22 -4.49 31.80
CA MET B 477 -4.57 -5.47 32.67
C MET B 477 -3.07 -5.28 32.69
N PRO B 478 -2.41 -5.63 33.82
CA PRO B 478 -0.95 -5.51 33.93
C PRO B 478 -0.19 -6.60 33.18
N ILE B 479 -0.45 -6.75 31.89
CA ILE B 479 0.21 -7.76 31.08
C ILE B 479 0.63 -7.06 29.81
N PRO B 480 1.46 -7.71 28.98
CA PRO B 480 1.77 -7.07 27.70
C PRO B 480 0.52 -7.07 26.83
N CYS B 481 0.00 -5.90 26.49
CA CYS B 481 -1.24 -5.86 25.72
C CYS B 481 -1.31 -4.64 24.81
N GLY B 482 -1.62 -4.88 23.54
CA GLY B 482 -1.77 -3.79 22.61
C GLY B 482 -3.22 -3.58 22.27
N GLY B 483 -3.50 -2.95 21.14
CA GLY B 483 -4.87 -2.63 20.81
C GLY B 483 -5.34 -2.96 19.40
N PHE B 484 -4.42 -3.16 18.47
CA PHE B 484 -4.82 -3.39 17.09
C PHE B 484 -5.83 -4.51 16.96
N MET B 485 -5.45 -5.72 17.31
CA MET B 485 -6.35 -6.86 17.14
C MET B 485 -7.68 -6.76 17.88
N PRO B 486 -7.66 -6.38 19.17
CA PRO B 486 -8.97 -6.23 19.79
C PRO B 486 -9.90 -5.32 19.00
N VAL B 487 -9.42 -4.15 18.59
CA VAL B 487 -10.25 -3.21 17.83
C VAL B 487 -10.46 -3.67 16.39
N PHE B 488 -9.59 -4.53 15.89
CA PHE B 488 -9.76 -5.08 14.55
C PHE B 488 -10.98 -5.99 14.52
N VAL B 489 -11.11 -6.85 15.52
CA VAL B 489 -12.27 -7.73 15.59
C VAL B 489 -13.54 -6.94 15.89
N LEU B 490 -13.41 -5.83 16.60
CA LEU B 490 -14.55 -5.00 16.91
C LEU B 490 -15.01 -4.28 15.66
N GLY B 491 -14.06 -3.79 14.88
CA GLY B 491 -14.41 -3.12 13.65
C GLY B 491 -15.01 -4.09 12.66
N ALA B 492 -14.47 -5.29 12.61
CA ALA B 492 -14.99 -6.30 11.71
C ALA B 492 -16.42 -6.63 12.07
N ALA B 493 -16.71 -6.69 13.37
CA ALA B 493 -18.06 -6.97 13.82
C ALA B 493 -19.00 -5.88 13.40
N PHE B 494 -18.63 -4.63 13.64
CA PHE B 494 -19.47 -3.50 13.24
C PHE B 494 -19.68 -3.50 11.74
N GLY B 495 -18.60 -3.64 10.98
CA GLY B 495 -18.71 -3.68 9.55
C GLY B 495 -19.62 -4.78 9.08
N ARG B 496 -19.47 -5.98 9.63
CA ARG B 496 -20.31 -7.09 9.23
C ARG B 496 -21.75 -6.83 9.58
N LEU B 497 -22.01 -6.28 10.75
CA LEU B 497 -23.38 -5.93 11.13
C LEU B 497 -23.98 -5.04 10.06
N VAL B 498 -23.28 -3.97 9.69
CA VAL B 498 -23.77 -3.08 8.64
C VAL B 498 -24.01 -3.85 7.35
N GLY B 499 -23.03 -4.65 6.93
CA GLY B 499 -23.17 -5.43 5.71
C GLY B 499 -24.31 -6.41 5.70
N GLU B 500 -24.61 -7.02 6.85
CA GLU B 500 -25.70 -7.96 6.94
C GLU B 500 -27.03 -7.23 6.92
N ILE B 501 -27.07 -6.04 7.49
CA ILE B 501 -28.29 -5.24 7.44
C ILE B 501 -28.47 -4.77 6.01
N MET B 502 -27.38 -4.45 5.33
CA MET B 502 -27.46 -4.02 3.94
C MET B 502 -27.93 -5.16 3.06
N ALA B 503 -27.58 -6.38 3.43
CA ALA B 503 -28.01 -7.55 2.67
C ALA B 503 -29.46 -7.88 2.99
N MET B 504 -29.96 -7.36 4.10
CA MET B 504 -31.35 -7.58 4.47
C MET B 504 -32.20 -6.51 3.80
N LEU B 505 -31.62 -5.34 3.61
CA LEU B 505 -32.35 -4.24 2.98
C LEU B 505 -32.32 -4.40 1.48
N PHE B 506 -31.22 -4.95 0.97
CA PHE B 506 -31.11 -5.18 -0.47
C PHE B 506 -30.82 -6.65 -0.71
N PRO B 507 -31.87 -7.49 -0.68
CA PRO B 507 -31.66 -8.93 -0.82
C PRO B 507 -31.26 -9.34 -2.23
N ASP B 508 -31.64 -8.55 -3.24
CA ASP B 508 -31.32 -8.88 -4.61
C ASP B 508 -30.16 -8.06 -5.13
N GLY B 509 -29.56 -7.25 -4.27
CA GLY B 509 -28.42 -6.46 -4.68
C GLY B 509 -28.79 -5.03 -5.04
N ILE B 510 -27.80 -4.22 -5.38
CA ILE B 510 -28.07 -2.85 -5.78
C ILE B 510 -27.56 -2.58 -7.18
N LEU B 511 -28.45 -2.24 -8.10
CA LEU B 511 -28.04 -1.95 -9.47
C LEU B 511 -27.38 -0.58 -9.58
N PHE B 512 -26.27 -0.52 -10.29
CA PHE B 512 -25.57 0.75 -10.47
C PHE B 512 -25.81 1.24 -11.89
N ASP B 513 -24.84 1.03 -12.77
CA ASP B 513 -25.01 1.41 -14.15
C ASP B 513 -25.80 0.33 -14.85
N ASP B 514 -25.21 -0.84 -14.99
CA ASP B 514 -25.90 -1.96 -15.60
C ASP B 514 -25.53 -3.19 -14.82
N ILE B 515 -24.98 -3.00 -13.62
CA ILE B 515 -24.52 -4.12 -12.84
C ILE B 515 -25.25 -4.23 -11.51
N ILE B 516 -25.85 -5.39 -11.24
CA ILE B 516 -26.50 -5.60 -9.95
C ILE B 516 -25.47 -6.05 -8.94
N TYR B 517 -24.84 -5.10 -8.26
CA TYR B 517 -23.83 -5.45 -7.28
C TYR B 517 -24.45 -6.12 -6.07
N LYS B 518 -24.06 -7.36 -5.81
CA LYS B 518 -24.58 -8.07 -4.65
C LYS B 518 -23.81 -7.65 -3.40
N ILE B 519 -24.50 -7.60 -2.27
CA ILE B 519 -23.88 -7.18 -1.03
C ILE B 519 -22.97 -8.25 -0.47
N LEU B 520 -21.73 -7.88 -0.17
CA LEU B 520 -20.81 -8.84 0.43
C LEU B 520 -20.55 -8.35 1.84
N PRO B 521 -21.25 -8.92 2.82
CA PRO B 521 -21.10 -8.44 4.20
C PRO B 521 -19.68 -8.55 4.72
N GLY B 522 -18.92 -9.54 4.25
CA GLY B 522 -17.55 -9.71 4.68
C GLY B 522 -16.68 -8.57 4.19
N GLY B 523 -17.01 -8.03 3.03
CA GLY B 523 -16.26 -6.90 2.51
C GLY B 523 -16.45 -5.71 3.42
N TYR B 524 -17.67 -5.49 3.87
CA TYR B 524 -17.95 -4.40 4.79
C TYR B 524 -17.16 -4.59 6.06
N ALA B 525 -16.99 -5.83 6.50
CA ALA B 525 -16.23 -6.11 7.71
C ALA B 525 -14.78 -5.70 7.58
N VAL B 526 -14.16 -6.01 6.46
CA VAL B 526 -12.78 -5.58 6.23
C VAL B 526 -12.66 -4.08 6.37
N ILE B 527 -13.58 -3.35 5.74
CA ILE B 527 -13.57 -1.89 5.82
C ILE B 527 -13.77 -1.43 7.25
N GLY B 528 -14.73 -2.01 7.95
CA GLY B 528 -14.98 -1.63 9.33
C GLY B 528 -13.79 -1.87 10.23
N ALA B 529 -13.09 -2.97 10.01
CA ALA B 529 -11.91 -3.29 10.80
C ALA B 529 -10.89 -2.20 10.63
N ALA B 530 -10.55 -1.89 9.38
CA ALA B 530 -9.59 -0.84 9.09
C ALA B 530 -10.02 0.51 9.64
N ALA B 531 -11.31 0.80 9.61
CA ALA B 531 -11.80 2.08 10.07
C ALA B 531 -11.70 2.23 11.58
N LEU B 532 -12.15 1.24 12.35
CA LEU B 532 -12.14 1.38 13.80
C LEU B 532 -10.73 1.31 14.34
N THR B 533 -9.89 0.48 13.73
CA THR B 533 -8.50 0.36 14.16
C THR B 533 -7.68 1.54 13.68
N GLY B 534 -8.23 2.33 12.75
CA GLY B 534 -7.55 3.51 12.27
C GLY B 534 -8.05 4.73 13.01
N ALA B 535 -9.17 4.59 13.69
CA ALA B 535 -9.70 5.68 14.49
C ALA B 535 -9.11 5.60 15.88
N VAL B 536 -8.82 4.40 16.33
CA VAL B 536 -8.24 4.23 17.65
C VAL B 536 -6.76 4.60 17.60
N SER B 537 -6.08 4.25 16.51
CA SER B 537 -4.66 4.53 16.40
C SER B 537 -4.38 5.81 15.63
N HIS B 538 -5.43 6.48 15.15
CA HIS B 538 -5.27 7.71 14.37
C HIS B 538 -4.36 7.51 13.18
N THR B 539 -4.54 6.41 12.46
CA THR B 539 -3.71 6.14 11.29
C THR B 539 -4.56 5.80 10.10
N VAL B 540 -4.05 6.08 8.91
CA VAL B 540 -4.78 5.76 7.69
C VAL B 540 -4.07 4.64 6.97
N SER B 541 -3.04 4.07 7.61
CA SER B 541 -2.27 3.00 7.00
C SER B 541 -2.92 1.66 7.27
N THR B 542 -3.99 1.67 8.05
CA THR B 542 -4.70 0.44 8.35
C THR B 542 -5.39 -0.05 7.10
N ALA B 543 -5.71 0.87 6.19
CA ALA B 543 -6.30 0.47 4.93
C ALA B 543 -5.32 -0.40 4.18
N VAL B 544 -4.06 0.03 4.11
CA VAL B 544 -3.03 -0.75 3.42
C VAL B 544 -2.78 -2.08 4.08
N ILE B 545 -2.80 -2.12 5.41
CA ILE B 545 -2.64 -3.38 6.12
C ILE B 545 -3.74 -4.32 5.67
N CYS B 546 -4.96 -3.81 5.63
CA CYS B 546 -6.09 -4.63 5.21
C CYS B 546 -5.99 -5.06 3.76
N PHE B 547 -5.56 -4.15 2.88
CA PHE B 547 -5.43 -4.48 1.47
C PHE B 547 -4.50 -5.67 1.28
N GLU B 548 -3.40 -5.69 2.02
CA GLU B 548 -2.44 -6.78 1.87
C GLU B 548 -2.90 -8.04 2.56
N LEU B 549 -3.70 -7.89 3.62
CA LEU B 549 -4.22 -9.06 4.32
C LEU B 549 -5.35 -9.68 3.53
N THR B 550 -5.99 -8.90 2.67
CA THR B 550 -7.12 -9.39 1.90
C THR B 550 -6.86 -9.16 0.42
N GLY B 551 -7.90 -8.75 -0.32
CA GLY B 551 -7.72 -8.43 -1.72
C GLY B 551 -7.55 -6.92 -1.80
N GLN B 552 -7.48 -6.35 -3.00
CA GLN B 552 -7.22 -4.92 -3.10
C GLN B 552 -8.28 -4.13 -3.84
N ILE B 553 -8.30 -4.23 -5.17
CA ILE B 553 -9.22 -3.42 -5.97
C ILE B 553 -10.69 -3.50 -5.61
N ALA B 554 -11.47 -2.50 -6.04
CA ALA B 554 -12.91 -2.44 -5.75
C ALA B 554 -13.22 -2.23 -4.27
N HIS B 555 -12.19 -2.04 -3.46
CA HIS B 555 -12.39 -1.78 -2.04
C HIS B 555 -11.36 -0.77 -1.61
N ILE B 556 -10.61 -0.23 -2.56
CA ILE B 556 -9.63 0.79 -2.23
C ILE B 556 -10.35 2.07 -1.86
N LEU B 557 -11.14 2.60 -2.78
CA LEU B 557 -11.91 3.81 -2.50
C LEU B 557 -12.86 3.65 -1.31
N PRO B 558 -13.67 2.58 -1.29
CA PRO B 558 -14.50 2.42 -0.08
C PRO B 558 -13.69 2.50 1.20
N MET B 559 -12.59 1.75 1.30
CA MET B 559 -11.80 1.74 2.52
C MET B 559 -11.17 3.09 2.79
N MET B 560 -10.56 3.69 1.78
CA MET B 560 -9.96 5.01 1.96
C MET B 560 -10.96 5.97 2.56
N VAL B 561 -12.12 6.09 1.93
CA VAL B 561 -13.15 7.00 2.43
C VAL B 561 -13.46 6.69 3.88
N ALA B 562 -13.77 5.44 4.17
CA ALA B 562 -14.10 5.05 5.54
C ALA B 562 -13.00 5.38 6.54
N VAL B 563 -11.78 4.94 6.29
CA VAL B 563 -10.68 5.19 7.23
C VAL B 563 -10.40 6.67 7.41
N ILE B 564 -10.44 7.45 6.33
CA ILE B 564 -10.23 8.89 6.42
C ILE B 564 -11.32 9.52 7.27
N LEU B 565 -12.57 9.16 7.01
CA LEU B 565 -13.68 9.70 7.79
C LEU B 565 -13.57 9.29 9.25
N ALA B 566 -13.16 8.05 9.50
CA ALA B 566 -12.99 7.58 10.86
C ALA B 566 -11.93 8.41 11.55
N ASN B 567 -10.77 8.54 10.92
CA ASN B 567 -9.69 9.33 11.49
C ASN B 567 -10.19 10.71 11.83
N MET B 568 -10.85 11.36 10.89
CA MET B 568 -11.36 12.71 11.11
C MET B 568 -12.25 12.81 12.34
N VAL B 569 -13.30 12.00 12.38
CA VAL B 569 -14.21 12.03 13.51
C VAL B 569 -13.47 11.76 14.82
N ALA B 570 -12.66 10.71 14.84
CA ALA B 570 -11.94 10.34 16.05
C ALA B 570 -10.95 11.41 16.49
N GLN B 571 -10.21 11.99 15.54
CA GLN B 571 -9.23 13.01 15.87
C GLN B 571 -9.92 14.22 16.47
N SER B 572 -11.11 14.52 16.00
CA SER B 572 -11.85 15.66 16.51
C SER B 572 -12.37 15.41 17.91
N LEU B 573 -12.55 14.15 18.28
CA LEU B 573 -13.12 13.84 19.58
C LEU B 573 -12.10 13.50 20.66
N GLN B 574 -11.38 12.39 20.49
CA GLN B 574 -10.43 11.96 21.52
C GLN B 574 -9.03 11.79 20.97
N PRO B 575 -8.02 11.67 21.85
CA PRO B 575 -6.67 11.38 21.37
C PRO B 575 -6.53 9.95 20.87
N SER B 576 -5.37 9.58 20.36
CA SER B 576 -5.15 8.22 19.90
C SER B 576 -4.96 7.34 21.13
N LEU B 577 -5.11 6.03 20.98
CA LEU B 577 -4.91 5.12 22.09
C LEU B 577 -3.55 5.36 22.69
N TYR B 578 -2.53 5.36 21.85
CA TYR B 578 -1.16 5.53 22.34
C TYR B 578 -0.91 6.89 22.94
N ASP B 579 -1.50 7.92 22.37
CA ASP B 579 -1.34 9.27 22.92
C ASP B 579 -2.07 9.39 24.24
N SER B 580 -3.21 8.73 24.36
CA SER B 580 -3.95 8.74 25.62
C SER B 580 -3.20 7.97 26.69
N ILE B 581 -2.53 6.90 26.30
CA ILE B 581 -1.75 6.13 27.26
C ILE B 581 -0.55 6.95 27.69
N ILE B 582 0.04 7.69 26.76
CA ILE B 582 1.14 8.58 27.12
C ILE B 582 0.66 9.51 28.22
N GLN B 583 -0.52 10.12 28.03
CA GLN B 583 -1.06 11.03 29.02
C GLN B 583 -1.32 10.36 30.37
N VAL B 584 -1.89 9.15 30.35
CA VAL B 584 -2.15 8.42 31.59
C VAL B 584 -0.85 8.19 32.34
N LYS B 585 0.18 7.73 31.63
CA LYS B 585 1.47 7.45 32.27
C LYS B 585 2.32 8.70 32.41
N LYS B 586 1.75 9.86 32.06
CA LYS B 586 2.47 11.13 32.15
C LYS B 586 3.86 11.04 31.54
N LEU B 587 3.96 10.40 30.39
CA LEU B 587 5.24 10.24 29.72
C LEU B 587 5.70 11.58 29.19
N PRO B 588 6.97 11.92 29.41
CA PRO B 588 7.51 13.21 28.96
C PRO B 588 7.19 13.47 27.50
N TYR B 589 7.34 12.45 26.66
CA TYR B 589 7.04 12.60 25.24
C TYR B 589 7.75 13.80 24.65
S SCN C . 4.57 9.15 -16.25
C SCN C . 3.25 8.40 -15.50
N SCN C . 2.35 7.88 -14.99
S SCN D . 14.28 10.89 -6.27
C SCN D . 14.46 9.97 -4.87
N SCN D . 14.58 9.34 -3.91
S SCN E . -0.03 8.01 -23.41
C SCN E . 0.17 7.63 -21.77
N SCN E . 0.31 7.36 -20.66
S SCN F . -2.71 -6.63 17.82
C SCN F . -2.35 -7.18 16.25
N SCN F . -2.11 -7.55 15.19
S SCN G . -0.88 7.28 17.55
C SCN G . -1.00 8.28 16.20
N SCN G . -1.08 8.98 15.28
S SCN H . -4.97 -14.79 19.20
C SCN H . -4.57 -13.60 18.07
N SCN H . -4.31 -12.78 17.29
#